data_8DRB
#
_entry.id   8DRB
#
_cell.length_a   70.705
_cell.length_b   121.890
_cell.length_c   78.516
_cell.angle_alpha   90.000
_cell.angle_beta   116.590
_cell.angle_gamma   90.000
#
_symmetry.space_group_name_H-M   'P 1 21 1'
#
loop_
_entity.id
_entity.type
_entity.pdbx_description
1 polymer 'Carbonic anhydrase'
2 non-polymer 3-phenyl-N-(5-sulfamoyl-1,3,4-thiadiazol-2-yl)propanamide
3 non-polymer 'ZINC ION'
4 non-polymer 'SULFATE ION'
5 water water
#
_entity_poly.entity_id   1
_entity_poly.type   'polypeptide(L)'
_entity_poly.pdbx_seq_one_letter_code
;HHHHHHDSGLVPRGSHMHGNHTHWGYTGHDSPESWGNLSEEFRLCSTGKNQSPVNITETVSGKLPAIKVNYKPSMVDVEN
NGHTIQVNYPEGGNTLTVNGRTYTLKQFHFHVPSENQIKGRTFPMEAHFVHLDENKQPLVLAVLYEAGKTNGRLSSIWNV
MPMTAGKVKLNQPFDASTLLPKRLKYYRFAGSLTTPPCTEGVSWLVLKTYDHIDQAQAEKFTRAVGSENNRPVQPLNARV
VIE
;
_entity_poly.pdbx_strand_id   A,C,E,G
#
# COMPACT_ATOMS: atom_id res chain seq x y z
N THR A 22 14.03 -4.02 0.65
CA THR A 22 14.42 -2.71 0.05
C THR A 22 13.92 -1.57 0.94
N HIS A 23 14.75 -0.54 1.10
CA HIS A 23 14.57 0.53 2.09
C HIS A 23 13.33 1.35 1.73
N TRP A 24 12.53 1.68 2.75
CA TRP A 24 11.31 2.46 2.55
C TRP A 24 11.05 3.27 3.81
N GLY A 25 10.33 4.38 3.68
CA GLY A 25 10.15 5.27 4.82
C GLY A 25 9.06 6.29 4.52
N TYR A 26 9.06 7.37 5.29
CA TYR A 26 7.95 8.31 5.28
C TYR A 26 8.40 9.70 4.81
N THR A 27 9.71 9.87 4.60
CA THR A 27 10.27 11.15 4.12
C THR A 27 11.36 10.85 3.07
N GLY A 28 11.89 11.91 2.47
CA GLY A 28 12.92 11.78 1.46
C GLY A 28 12.39 11.03 0.25
N HIS A 29 13.30 10.30 -0.43
CA HIS A 29 13.03 9.66 -1.71
C HIS A 29 12.25 8.37 -1.50
N ASP A 30 12.41 7.81 -0.30
CA ASP A 30 11.70 6.65 0.23
C ASP A 30 10.18 6.79 0.24
N SER A 31 9.66 8.03 0.22
CA SER A 31 8.33 8.39 0.76
C SER A 31 7.17 7.65 0.08
N PRO A 32 5.95 7.59 0.72
CA PRO A 32 4.83 6.78 0.23
C PRO A 32 4.41 6.94 -1.24
N GLU A 33 4.41 8.18 -1.74
CA GLU A 33 4.24 8.49 -3.15
C GLU A 33 5.21 7.70 -4.03
N SER A 34 6.37 7.28 -3.48
CA SER A 34 7.44 6.66 -4.26
C SER A 34 7.57 5.16 -4.02
N TRP A 35 6.78 4.57 -3.09
CA TRP A 35 6.97 3.17 -2.70
C TRP A 35 6.85 2.24 -3.91
N GLY A 36 5.97 2.58 -4.86
CA GLY A 36 5.78 1.80 -6.07
C GLY A 36 7.00 1.77 -6.99
N ASN A 37 7.77 2.86 -7.00
CA ASN A 37 8.96 2.98 -7.83
C ASN A 37 10.17 2.24 -7.21
N LEU A 38 10.11 1.95 -5.90
CA LEU A 38 11.29 1.48 -5.18
C LEU A 38 11.62 0.05 -5.60
N SER A 39 10.58 -0.78 -5.82
CA SER A 39 10.76 -2.17 -6.19
C SER A 39 9.54 -2.68 -6.96
N GLU A 40 9.74 -3.63 -7.86
CA GLU A 40 8.64 -4.28 -8.58
C GLU A 40 7.72 -5.00 -7.59
N GLU A 41 8.26 -5.48 -6.46
CA GLU A 41 7.43 -6.12 -5.43
C GLU A 41 6.50 -5.11 -4.75
N PHE A 42 6.77 -3.80 -4.86
CA PHE A 42 6.03 -2.80 -4.10
C PHE A 42 5.03 -2.06 -4.98
N ARG A 43 4.70 -2.59 -6.16
CA ARG A 43 4.11 -1.81 -7.23
C ARG A 43 2.62 -1.61 -6.97
N LEU A 44 2.01 -2.56 -6.26
CA LEU A 44 0.61 -2.48 -5.88
C LEU A 44 0.35 -1.28 -4.95
N CYS A 45 1.39 -0.76 -4.27
CA CYS A 45 1.26 0.41 -3.40
C CYS A 45 0.76 1.63 -4.17
N SER A 46 1.11 1.71 -5.47
CA SER A 46 0.66 2.81 -6.30
C SER A 46 -0.39 2.37 -7.33
N THR A 47 -0.33 1.13 -7.85
CA THR A 47 -1.24 0.70 -8.91
C THR A 47 -2.60 0.29 -8.37
N GLY A 48 -2.63 -0.27 -7.16
CA GLY A 48 -3.81 -0.94 -6.64
C GLY A 48 -4.95 0.00 -6.23
N LYS A 49 -6.14 -0.58 -6.16
CA LYS A 49 -7.39 0.17 -6.22
C LYS A 49 -8.19 -0.04 -4.93
N ASN A 50 -7.70 -0.94 -4.05
CA ASN A 50 -8.34 -1.29 -2.79
C ASN A 50 -7.35 -1.15 -1.64
N GLN A 51 -6.74 0.03 -1.54
CA GLN A 51 -5.65 0.29 -0.60
C GLN A 51 -6.17 0.92 0.70
N SER A 52 -5.40 0.66 1.78
CA SER A 52 -5.60 1.31 3.06
C SER A 52 -4.43 2.28 3.29
N PRO A 53 -4.60 3.36 4.10
CA PRO A 53 -5.85 3.63 4.83
C PRO A 53 -6.87 4.48 4.08
N VAL A 54 -7.99 4.79 4.74
CA VAL A 54 -9.07 5.46 4.05
C VAL A 54 -9.68 6.54 4.95
N ASN A 55 -10.36 7.48 4.29
CA ASN A 55 -11.23 8.41 5.00
C ASN A 55 -12.64 7.82 5.01
N ILE A 56 -13.11 7.41 6.19
CA ILE A 56 -14.45 6.84 6.34
C ILE A 56 -15.45 7.99 6.38
N THR A 57 -16.31 8.11 5.36
CA THR A 57 -17.26 9.21 5.26
C THR A 57 -18.66 8.66 4.98
N GLU A 58 -18.94 8.39 3.71
CA GLU A 58 -20.17 7.71 3.32
C GLU A 58 -20.04 6.24 3.70
N THR A 59 -21.00 5.78 4.50
CA THR A 59 -21.08 4.39 4.95
C THR A 59 -22.47 3.87 4.65
N VAL A 60 -22.57 2.58 4.31
CA VAL A 60 -23.87 1.92 4.27
C VAL A 60 -24.08 1.32 5.64
N SER A 61 -25.22 1.65 6.26
CA SER A 61 -25.65 1.07 7.52
C SER A 61 -26.03 -0.40 7.32
N GLY A 62 -25.52 -1.31 8.17
CA GLY A 62 -25.73 -2.73 7.96
C GLY A 62 -25.68 -3.56 9.26
N LYS A 63 -26.16 -4.82 9.16
CA LYS A 63 -26.13 -5.76 10.28
C LYS A 63 -24.85 -6.59 10.26
N LEU A 64 -23.79 -6.04 10.88
CA LEU A 64 -22.48 -6.65 11.00
C LEU A 64 -22.49 -7.71 12.11
N PRO A 65 -21.77 -8.83 11.97
CA PRO A 65 -21.70 -9.80 13.06
C PRO A 65 -20.87 -9.25 14.22
N ALA A 66 -21.23 -9.66 15.45
CA ALA A 66 -20.55 -9.18 16.65
C ALA A 66 -19.14 -9.76 16.72
N ILE A 67 -18.22 -8.95 17.26
CA ILE A 67 -16.87 -9.39 17.59
C ILE A 67 -16.87 -9.97 19.00
N LYS A 68 -16.30 -11.17 19.15
CA LYS A 68 -15.97 -11.73 20.45
C LYS A 68 -14.44 -11.72 20.64
N VAL A 69 -13.94 -11.09 21.72
CA VAL A 69 -12.50 -11.01 21.97
C VAL A 69 -12.10 -11.96 23.10
N ASN A 70 -11.08 -12.78 22.80
CA ASN A 70 -10.57 -13.78 23.71
C ASN A 70 -9.06 -13.53 23.84
N TYR A 71 -8.71 -12.42 24.46
CA TYR A 71 -7.31 -12.12 24.67
C TYR A 71 -6.95 -12.42 26.13
N LYS A 72 -5.67 -12.55 26.44
CA LYS A 72 -5.28 -12.97 27.79
C LYS A 72 -3.83 -12.62 28.08
N PRO A 73 -3.42 -12.63 29.36
CA PRO A 73 -2.02 -12.34 29.70
C PRO A 73 -1.17 -13.37 28.97
N SER A 74 -0.18 -12.85 28.21
CA SER A 74 0.73 -13.61 27.39
C SER A 74 2.13 -13.06 27.59
N MET A 75 3.09 -13.81 27.08
CA MET A 75 4.47 -13.36 26.97
C MET A 75 4.64 -12.88 25.53
N VAL A 76 5.06 -11.62 25.39
CA VAL A 76 5.14 -10.96 24.10
C VAL A 76 6.57 -10.44 23.92
N ASP A 77 6.98 -10.25 22.67
CA ASP A 77 8.27 -9.68 22.32
C ASP A 77 8.07 -8.33 21.65
N VAL A 78 8.80 -7.31 22.16
CA VAL A 78 8.55 -5.91 21.82
C VAL A 78 9.73 -5.37 21.00
N GLU A 79 9.42 -4.97 19.78
CA GLU A 79 10.41 -4.71 18.75
C GLU A 79 10.25 -3.26 18.28
N ASN A 80 11.39 -2.63 17.98
CA ASN A 80 11.45 -1.44 17.15
C ASN A 80 11.97 -1.90 15.79
N ASN A 81 11.14 -1.80 14.74
CA ASN A 81 11.57 -2.28 13.43
C ASN A 81 11.93 -1.09 12.54
N GLY A 82 12.19 0.08 13.15
CA GLY A 82 12.59 1.27 12.42
C GLY A 82 11.44 1.97 11.68
N HIS A 83 10.21 1.43 11.77
CA HIS A 83 9.02 2.05 11.17
C HIS A 83 7.89 2.19 12.21
N THR A 84 7.80 1.22 13.13
CA THR A 84 6.81 1.21 14.19
C THR A 84 7.39 0.45 15.38
N ILE A 85 6.70 0.56 16.51
CA ILE A 85 6.94 -0.26 17.68
C ILE A 85 5.91 -1.39 17.61
N GLN A 86 6.40 -2.65 17.68
CA GLN A 86 5.55 -3.80 17.45
C GLN A 86 5.62 -4.77 18.63
N VAL A 87 4.46 -5.06 19.23
CA VAL A 87 4.32 -6.09 20.25
C VAL A 87 3.95 -7.40 19.53
N ASN A 88 4.89 -8.35 19.49
CA ASN A 88 4.74 -9.61 18.78
C ASN A 88 4.27 -10.73 19.71
N TYR A 89 3.43 -11.62 19.18
CA TYR A 89 2.95 -12.78 19.93
C TYR A 89 3.49 -14.06 19.31
N PRO A 90 4.58 -14.66 19.86
CA PRO A 90 5.08 -15.93 19.35
C PRO A 90 4.05 -17.06 19.37
N GLU A 91 3.19 -17.05 20.39
CA GLU A 91 2.24 -18.15 20.60
C GLU A 91 0.82 -17.64 20.35
N GLY A 92 -0.07 -18.56 19.97
CA GLY A 92 -1.49 -18.29 19.76
C GLY A 92 -2.23 -18.22 21.09
N GLY A 93 -3.56 -18.32 21.07
CA GLY A 93 -4.34 -18.27 22.28
C GLY A 93 -4.99 -16.89 22.51
N ASN A 94 -4.54 -15.88 21.75
CA ASN A 94 -5.20 -14.58 21.75
C ASN A 94 -6.02 -14.46 20.47
N THR A 95 -7.34 -14.62 20.57
CA THR A 95 -8.15 -14.77 19.37
C THR A 95 -9.31 -13.80 19.39
N LEU A 96 -9.88 -13.66 18.19
CA LEU A 96 -11.07 -12.87 17.94
C LEU A 96 -12.00 -13.76 17.11
N THR A 97 -13.27 -13.89 17.52
CA THR A 97 -14.23 -14.59 16.68
C THR A 97 -15.23 -13.58 16.13
N VAL A 98 -15.45 -13.68 14.82
CA VAL A 98 -16.44 -12.89 14.11
C VAL A 98 -16.98 -13.72 12.94
N ASN A 99 -18.31 -13.81 12.83
CA ASN A 99 -19.00 -14.60 11.82
C ASN A 99 -18.42 -16.01 11.77
N GLY A 100 -18.29 -16.66 12.94
CA GLY A 100 -17.98 -18.07 13.02
C GLY A 100 -16.52 -18.42 12.72
N ARG A 101 -15.75 -17.51 12.10
CA ARG A 101 -14.32 -17.73 11.89
C ARG A 101 -13.54 -17.22 13.10
N THR A 102 -12.39 -17.86 13.38
CA THR A 102 -11.49 -17.52 14.47
C THR A 102 -10.18 -16.98 13.90
N TYR A 103 -9.78 -15.79 14.36
CA TYR A 103 -8.58 -15.11 13.91
C TYR A 103 -7.61 -15.02 15.09
N THR A 104 -6.34 -15.41 14.85
CA THR A 104 -5.32 -15.43 15.88
C THR A 104 -4.52 -14.11 15.83
N LEU A 105 -4.40 -13.45 16.98
CA LEU A 105 -3.59 -12.24 17.09
C LEU A 105 -2.11 -12.63 16.95
N LYS A 106 -1.43 -12.11 15.92
CA LYS A 106 -0.02 -12.35 15.68
C LYS A 106 0.82 -11.24 16.32
N GLN A 107 0.34 -10.00 16.18
CA GLN A 107 1.05 -8.82 16.65
C GLN A 107 0.14 -7.59 16.57
N PHE A 108 0.55 -6.55 17.31
CA PHE A 108 -0.06 -5.25 17.20
C PHE A 108 1.03 -4.18 17.26
N HIS A 109 0.78 -3.05 16.61
CA HIS A 109 1.76 -1.96 16.51
C HIS A 109 1.01 -0.65 16.37
N PHE A 110 1.74 0.43 16.09
CA PHE A 110 1.11 1.74 16.16
C PHE A 110 1.54 2.67 15.03
N HIS A 111 0.68 3.68 14.82
CA HIS A 111 0.93 4.78 13.90
C HIS A 111 0.63 6.07 14.64
N VAL A 112 1.58 7.01 14.54
CA VAL A 112 1.49 8.34 15.11
C VAL A 112 1.84 9.34 14.01
N PRO A 113 0.89 10.15 13.51
CA PRO A 113 -0.54 10.00 13.84
C PRO A 113 -1.27 8.82 13.19
N SER A 114 -2.60 8.79 13.31
CA SER A 114 -3.41 7.71 12.76
C SER A 114 -3.33 7.70 11.24
N GLU A 115 -3.72 6.56 10.66
CA GLU A 115 -3.70 6.37 9.23
C GLU A 115 -5.12 6.60 8.70
N ASN A 116 -6.07 5.88 9.29
CA ASN A 116 -7.47 6.02 8.88
C ASN A 116 -7.98 7.34 9.45
N GLN A 117 -9.07 7.84 8.87
CA GLN A 117 -9.78 9.01 9.38
C GLN A 117 -11.26 8.70 9.47
N ILE A 118 -11.97 9.47 10.29
CA ILE A 118 -13.44 9.47 10.32
C ILE A 118 -13.90 10.87 9.92
N LYS A 119 -14.56 10.98 8.76
CA LYS A 119 -15.00 12.24 8.21
C LYS A 119 -13.90 13.31 8.31
N GLY A 120 -12.72 13.00 7.79
CA GLY A 120 -11.62 13.96 7.74
C GLY A 120 -10.87 14.05 9.06
N ARG A 121 -11.38 13.41 10.13
CA ARG A 121 -10.75 13.60 11.42
C ARG A 121 -9.55 12.68 11.54
N THR A 122 -8.40 13.25 11.90
CA THR A 122 -7.21 12.47 12.18
C THR A 122 -6.97 12.48 13.68
N PHE A 123 -6.50 11.33 14.18
CA PHE A 123 -6.30 11.14 15.60
C PHE A 123 -4.81 11.05 15.91
N PRO A 124 -4.42 11.47 17.12
CA PRO A 124 -3.01 11.46 17.52
C PRO A 124 -2.30 10.13 17.36
N MET A 125 -3.01 9.00 17.44
CA MET A 125 -2.37 7.71 17.31
C MET A 125 -3.39 6.68 16.85
N GLU A 126 -2.89 5.59 16.23
CA GLU A 126 -3.72 4.44 15.86
C GLU A 126 -3.00 3.14 16.20
N ALA A 127 -3.72 2.14 16.75
CA ALA A 127 -3.21 0.80 16.94
C ALA A 127 -3.83 -0.18 15.93
N HIS A 128 -3.00 -1.09 15.43
CA HIS A 128 -3.44 -2.09 14.48
C HIS A 128 -3.13 -3.46 15.08
N PHE A 129 -4.19 -4.21 15.37
CA PHE A 129 -4.09 -5.58 15.86
C PHE A 129 -4.25 -6.51 14.65
N VAL A 130 -3.16 -7.23 14.33
CA VAL A 130 -3.06 -7.97 13.09
C VAL A 130 -3.29 -9.46 13.37
N HIS A 131 -4.24 -10.05 12.62
CA HIS A 131 -4.66 -11.42 12.81
C HIS A 131 -4.55 -12.27 11.54
N LEU A 132 -4.55 -13.60 11.75
CA LEU A 132 -4.76 -14.60 10.69
C LEU A 132 -5.72 -15.68 11.21
N ASP A 133 -6.61 -16.18 10.33
CA ASP A 133 -7.45 -17.34 10.60
C ASP A 133 -6.77 -18.57 10.02
N GLU A 134 -7.45 -19.74 10.10
CA GLU A 134 -6.91 -20.99 9.60
C GLU A 134 -6.63 -20.89 8.09
N ASN A 135 -7.53 -20.23 7.35
CA ASN A 135 -7.42 -20.07 5.91
C ASN A 135 -6.29 -19.11 5.50
N LYS A 136 -5.63 -18.45 6.47
CA LYS A 136 -4.61 -17.42 6.18
C LYS A 136 -5.25 -16.10 5.75
N GLN A 137 -6.53 -15.87 6.05
CA GLN A 137 -7.16 -14.62 5.69
C GLN A 137 -6.64 -13.56 6.68
N PRO A 138 -6.04 -12.43 6.24
CA PRO A 138 -5.70 -11.32 7.14
C PRO A 138 -6.87 -10.49 7.63
N LEU A 139 -6.76 -9.99 8.89
CA LEU A 139 -7.74 -9.06 9.43
C LEU A 139 -7.08 -8.14 10.46
N VAL A 140 -7.11 -6.82 10.17
CA VAL A 140 -6.60 -5.82 11.10
C VAL A 140 -7.78 -5.16 11.81
N LEU A 141 -7.66 -5.05 13.13
CA LEU A 141 -8.62 -4.35 13.93
C LEU A 141 -7.95 -3.11 14.51
N ALA A 142 -8.59 -1.94 14.35
CA ALA A 142 -7.95 -0.67 14.61
C ALA A 142 -8.66 0.03 15.76
N VAL A 143 -7.83 0.54 16.68
CA VAL A 143 -8.22 1.42 17.75
C VAL A 143 -7.62 2.81 17.49
N LEU A 144 -8.49 3.80 17.47
CA LEU A 144 -8.05 5.18 17.35
C LEU A 144 -7.96 5.76 18.76
N TYR A 145 -6.92 6.55 19.03
CA TYR A 145 -6.67 7.18 20.32
C TYR A 145 -6.85 8.70 20.22
N GLU A 146 -7.81 9.25 20.96
CA GLU A 146 -7.98 10.70 21.12
C GLU A 146 -6.98 11.32 22.09
N ALA A 147 -6.80 12.64 21.97
CA ALA A 147 -6.09 13.45 22.94
C ALA A 147 -6.82 13.41 24.28
N GLY A 148 -6.10 13.03 25.36
CA GLY A 148 -6.68 12.98 26.69
C GLY A 148 -5.63 12.56 27.72
N LYS A 149 -6.09 11.86 28.76
CA LYS A 149 -5.25 11.34 29.84
C LYS A 149 -4.08 10.57 29.24
N THR A 150 -2.91 10.59 29.91
CA THR A 150 -1.90 9.56 29.69
C THR A 150 -2.61 8.20 29.63
N ASN A 151 -2.11 7.28 28.77
CA ASN A 151 -2.68 5.93 28.71
C ASN A 151 -1.92 5.02 29.68
N GLY A 152 -2.60 4.64 30.77
CA GLY A 152 -2.04 3.80 31.82
C GLY A 152 -1.71 2.40 31.31
N ARG A 153 -2.66 1.81 30.56
CA ARG A 153 -2.63 0.43 30.12
C ARG A 153 -1.51 0.14 29.11
N LEU A 154 -1.05 1.18 28.40
CA LEU A 154 0.02 1.06 27.42
C LEU A 154 1.39 1.31 28.04
N SER A 155 1.45 1.84 29.28
CA SER A 155 2.70 2.30 29.87
C SER A 155 3.70 1.16 30.07
N SER A 156 3.18 -0.06 30.31
CA SER A 156 3.95 -1.29 30.32
C SER A 156 4.86 -1.34 29.08
N ILE A 157 4.25 -1.17 27.90
CA ILE A 157 4.94 -1.16 26.62
C ILE A 157 5.86 0.05 26.44
N TRP A 158 5.39 1.27 26.82
CA TRP A 158 6.15 2.50 26.60
C TRP A 158 7.41 2.55 27.46
N ASN A 159 7.35 1.87 28.63
CA ASN A 159 8.53 1.77 29.47
C ASN A 159 9.59 0.93 28.75
N VAL A 160 9.24 -0.29 28.30
CA VAL A 160 10.21 -1.22 27.73
C VAL A 160 10.52 -0.90 26.26
N MET A 161 9.94 0.19 25.72
CA MET A 161 10.00 0.54 24.30
C MET A 161 11.46 0.76 23.90
N PRO A 162 12.06 -0.08 23.00
CA PRO A 162 13.39 0.12 22.46
C PRO A 162 13.40 1.30 21.50
N MET A 163 14.46 2.13 21.59
CA MET A 163 14.53 3.39 20.89
C MET A 163 15.51 3.29 19.72
N THR A 164 15.94 2.05 19.40
CA THR A 164 16.83 1.73 18.28
C THR A 164 16.31 0.43 17.63
N ALA A 165 16.93 -0.11 16.56
CA ALA A 165 16.39 -1.22 15.77
C ALA A 165 16.43 -2.64 16.40
N GLY A 166 16.32 -2.81 17.74
CA GLY A 166 16.39 -4.11 18.42
C GLY A 166 15.09 -4.51 19.14
N LYS A 167 15.14 -5.58 19.96
CA LYS A 167 13.97 -6.28 20.52
C LYS A 167 14.10 -6.49 22.03
N VAL A 168 13.03 -6.26 22.80
CA VAL A 168 13.04 -6.59 24.22
C VAL A 168 12.09 -7.77 24.43
N LYS A 169 12.71 -8.85 24.93
CA LYS A 169 12.21 -10.21 24.83
C LYS A 169 11.40 -10.56 26.07
N LEU A 170 10.70 -11.70 25.94
CA LEU A 170 9.90 -12.31 27.00
C LEU A 170 10.59 -12.15 28.36
N ASN A 171 10.48 -10.90 28.81
CA ASN A 171 10.58 -10.45 30.18
C ASN A 171 9.30 -9.63 30.35
N GLN A 172 8.37 -9.82 29.38
CA GLN A 172 7.33 -8.84 29.11
C GLN A 172 6.00 -9.56 29.01
N PRO A 173 5.21 -9.52 30.10
CA PRO A 173 3.82 -9.97 30.07
C PRO A 173 2.98 -8.78 29.61
N PHE A 174 1.92 -9.07 28.87
CA PHE A 174 0.98 -8.02 28.53
C PHE A 174 -0.37 -8.66 28.26
N ASP A 175 -1.44 -7.94 28.64
CA ASP A 175 -2.81 -8.36 28.39
C ASP A 175 -3.48 -7.38 27.45
N ALA A 176 -3.65 -7.79 26.19
CA ALA A 176 -4.23 -6.93 25.16
C ALA A 176 -5.74 -6.74 25.35
N SER A 177 -6.35 -7.52 26.24
CA SER A 177 -7.74 -7.30 26.59
C SER A 177 -7.96 -5.83 26.97
N THR A 178 -7.00 -5.29 27.70
CA THR A 178 -7.05 -3.96 28.29
C THR A 178 -7.22 -2.87 27.22
N LEU A 179 -6.73 -3.16 26.00
CA LEU A 179 -6.59 -2.18 24.93
C LEU A 179 -7.81 -2.15 24.03
N LEU A 180 -8.78 -3.04 24.26
CA LEU A 180 -10.02 -3.03 23.51
C LEU A 180 -11.17 -2.56 24.40
N PRO A 181 -12.13 -1.78 23.85
CA PRO A 181 -13.28 -1.31 24.61
C PRO A 181 -14.33 -2.42 24.78
N LYS A 182 -15.30 -2.23 25.69
CA LYS A 182 -16.34 -3.22 25.86
C LYS A 182 -17.40 -3.01 24.79
N ARG A 183 -17.47 -1.80 24.21
CA ARG A 183 -18.28 -1.53 23.03
C ARG A 183 -17.45 -1.81 21.76
N LEU A 184 -17.90 -2.80 20.99
CA LEU A 184 -17.14 -3.37 19.89
C LEU A 184 -17.94 -3.18 18.59
N LYS A 185 -18.52 -2.00 18.45
CA LYS A 185 -19.12 -1.53 17.21
C LYS A 185 -17.99 -1.14 16.26
N TYR A 186 -18.06 -1.50 14.97
CA TYR A 186 -16.94 -1.27 14.08
C TYR A 186 -17.42 -0.83 12.69
N TYR A 187 -16.55 -0.10 11.98
CA TYR A 187 -16.67 0.06 10.55
C TYR A 187 -15.92 -1.08 9.86
N ARG A 188 -16.49 -1.57 8.75
CA ARG A 188 -15.98 -2.73 8.05
C ARG A 188 -15.78 -2.39 6.59
N PHE A 189 -14.57 -2.58 6.11
CA PHE A 189 -14.28 -2.49 4.69
C PHE A 189 -13.14 -3.45 4.39
N ALA A 190 -12.71 -3.44 3.13
CA ALA A 190 -11.61 -4.26 2.67
C ALA A 190 -10.52 -3.35 2.09
N GLY A 191 -9.26 -3.80 2.20
CA GLY A 191 -8.14 -3.01 1.71
C GLY A 191 -6.79 -3.74 1.78
N SER A 192 -5.79 -3.03 2.31
CA SER A 192 -4.40 -3.41 2.08
C SER A 192 -3.62 -3.31 3.39
N LEU A 193 -2.36 -3.77 3.35
CA LEU A 193 -1.39 -3.35 4.33
C LEU A 193 -1.13 -1.89 4.01
N THR A 194 -0.80 -1.10 5.05
CA THR A 194 -0.54 0.32 4.87
C THR A 194 0.95 0.55 4.70
N THR A 195 1.72 -0.55 4.68
CA THR A 195 3.17 -0.49 4.50
C THR A 195 3.50 -1.38 3.30
N PRO A 196 4.63 -1.13 2.58
CA PRO A 196 5.07 -2.01 1.50
C PRO A 196 5.26 -3.45 1.96
N PRO A 197 4.83 -4.45 1.16
CA PRO A 197 4.42 -4.26 -0.24
C PRO A 197 2.94 -3.95 -0.49
N CYS A 198 2.21 -3.45 0.52
CA CYS A 198 0.84 -2.97 0.34
C CYS A 198 -0.11 -4.05 -0.21
N THR A 199 0.16 -5.32 0.14
CA THR A 199 -0.70 -6.44 -0.18
C THR A 199 -2.18 -6.11 0.13
N GLU A 200 -3.03 -6.33 -0.88
CA GLU A 200 -4.48 -6.25 -0.72
C GLU A 200 -4.94 -7.60 -0.18
N GLY A 201 -6.23 -7.75 0.07
CA GLY A 201 -6.72 -9.01 0.61
C GLY A 201 -7.07 -8.95 2.09
N VAL A 202 -7.04 -7.75 2.67
CA VAL A 202 -7.02 -7.56 4.13
C VAL A 202 -8.36 -7.01 4.59
N SER A 203 -8.96 -7.64 5.60
CA SER A 203 -10.20 -7.14 6.16
C SER A 203 -9.88 -6.10 7.24
N TRP A 204 -10.56 -4.94 7.14
CA TRP A 204 -10.39 -3.89 8.13
C TRP A 204 -11.67 -3.73 8.97
N LEU A 205 -11.53 -3.90 10.29
CA LEU A 205 -12.53 -3.49 11.27
C LEU A 205 -11.96 -2.33 12.08
N VAL A 206 -12.59 -1.15 11.97
CA VAL A 206 -12.19 -0.01 12.76
C VAL A 206 -13.25 0.24 13.82
N LEU A 207 -12.82 0.27 15.08
CA LEU A 207 -13.73 0.42 16.20
C LEU A 207 -14.20 1.86 16.32
N LYS A 208 -15.51 2.00 16.57
CA LYS A 208 -16.16 3.30 16.73
C LYS A 208 -15.82 3.97 18.04
N THR A 209 -15.45 3.18 19.05
CA THR A 209 -15.13 3.74 20.35
C THR A 209 -13.64 4.04 20.39
N TYR A 210 -13.31 5.27 20.83
CA TYR A 210 -11.93 5.76 20.89
C TYR A 210 -11.36 5.61 22.30
N ASP A 211 -10.07 5.24 22.36
CA ASP A 211 -9.27 5.23 23.57
C ASP A 211 -8.57 6.59 23.64
N HIS A 212 -7.49 6.75 24.44
CA HIS A 212 -6.89 8.07 24.70
C HIS A 212 -5.37 7.99 24.89
N ILE A 213 -4.64 9.03 24.44
CA ILE A 213 -3.23 9.20 24.78
C ILE A 213 -2.90 10.66 25.11
N ASP A 214 -1.72 10.79 25.69
CA ASP A 214 -0.98 12.01 25.93
C ASP A 214 -0.19 12.44 24.71
N GLN A 215 0.18 13.72 24.71
CA GLN A 215 1.18 14.27 23.81
C GLN A 215 2.55 13.66 24.11
N ALA A 216 2.89 13.46 25.41
CA ALA A 216 4.20 12.91 25.78
C ALA A 216 4.38 11.47 25.27
N GLN A 217 3.30 10.66 25.29
CA GLN A 217 3.33 9.29 24.79
C GLN A 217 3.52 9.25 23.26
N ALA A 218 2.84 10.14 22.52
CA ALA A 218 2.93 10.15 21.07
C ALA A 218 4.33 10.54 20.60
N GLU A 219 4.92 11.56 21.24
CA GLU A 219 6.26 12.03 20.91
C GLU A 219 7.31 10.98 21.23
N LYS A 220 7.15 10.29 22.37
CA LYS A 220 8.05 9.21 22.72
C LYS A 220 8.06 8.15 21.60
N PHE A 221 6.87 7.75 21.12
CA PHE A 221 6.76 6.87 19.98
C PHE A 221 7.55 7.43 18.80
N THR A 222 7.31 8.72 18.49
CA THR A 222 7.92 9.37 17.34
C THR A 222 9.44 9.41 17.50
N ARG A 223 9.90 9.77 18.70
CA ARG A 223 11.32 9.80 19.02
C ARG A 223 11.92 8.43 18.69
N ALA A 224 11.24 7.36 19.16
CA ALA A 224 11.79 6.02 19.13
C ALA A 224 11.85 5.46 17.72
N VAL A 225 10.78 5.67 16.96
CA VAL A 225 10.63 5.17 15.60
C VAL A 225 11.39 6.08 14.61
N GLY A 226 11.66 7.33 15.00
CA GLY A 226 12.47 8.23 14.20
C GLY A 226 11.64 9.18 13.33
N SER A 227 10.36 8.89 13.10
CA SER A 227 9.53 9.74 12.26
C SER A 227 8.05 9.47 12.51
N GLU A 228 7.20 10.26 11.84
CA GLU A 228 5.77 10.03 11.80
C GLU A 228 5.49 8.98 10.73
N ASN A 229 4.78 7.92 11.10
CA ASN A 229 4.69 6.72 10.27
C ASN A 229 3.27 6.53 9.77
N ASN A 230 2.68 7.60 9.20
CA ASN A 230 1.29 7.60 8.73
C ASN A 230 1.23 7.72 7.20
N ARG A 231 0.78 6.65 6.53
CA ARG A 231 0.56 6.69 5.09
C ARG A 231 -0.67 7.54 4.75
N PRO A 232 -0.67 8.39 3.71
CA PRO A 232 -1.88 9.15 3.38
C PRO A 232 -3.05 8.23 3.00
N VAL A 233 -4.28 8.77 3.09
CA VAL A 233 -5.50 8.03 2.79
C VAL A 233 -5.62 7.79 1.29
N GLN A 234 -6.09 6.59 0.92
CA GLN A 234 -6.22 6.16 -0.47
C GLN A 234 -7.71 6.21 -0.85
N PRO A 235 -8.05 6.53 -2.12
CA PRO A 235 -9.45 6.53 -2.54
C PRO A 235 -10.11 5.19 -2.24
N LEU A 236 -11.39 5.23 -1.83
CA LEU A 236 -12.22 4.05 -1.62
C LEU A 236 -12.63 3.37 -2.92
N ASN A 237 -12.73 4.13 -4.02
CA ASN A 237 -13.01 3.59 -5.34
C ASN A 237 -14.37 2.87 -5.36
N ALA A 238 -14.37 1.54 -5.59
CA ALA A 238 -15.61 0.77 -5.70
C ALA A 238 -16.08 0.25 -4.34
N ARG A 239 -15.36 0.61 -3.27
CA ARG A 239 -15.57 0.01 -1.97
C ARG A 239 -16.60 0.80 -1.16
N VAL A 240 -17.33 0.05 -0.33
CA VAL A 240 -18.39 0.51 0.57
C VAL A 240 -17.93 0.16 1.98
N VAL A 241 -18.02 1.14 2.89
CA VAL A 241 -17.83 0.92 4.31
C VAL A 241 -19.21 0.71 4.95
N ILE A 242 -19.28 -0.35 5.77
CA ILE A 242 -20.48 -0.68 6.52
C ILE A 242 -20.35 -0.15 7.96
N GLU A 243 -21.43 0.45 8.46
CA GLU A 243 -21.59 1.02 9.79
C GLU A 243 -22.45 0.06 10.62
N THR B 22 5.92 -23.35 -10.86
CA THR B 22 6.19 -24.71 -11.44
C THR B 22 6.69 -25.68 -10.35
N HIS B 23 5.91 -26.74 -10.13
CA HIS B 23 6.13 -27.76 -9.11
C HIS B 23 7.45 -28.50 -9.43
N TRP B 24 8.27 -28.67 -8.38
CA TRP B 24 9.54 -29.38 -8.46
C TRP B 24 9.72 -30.09 -7.13
N GLY B 25 10.56 -31.11 -7.08
CA GLY B 25 10.64 -31.93 -5.87
C GLY B 25 11.85 -32.87 -5.90
N TYR B 26 11.81 -33.86 -4.99
CA TYR B 26 12.93 -34.77 -4.79
C TYR B 26 12.60 -36.22 -5.15
N THR B 27 11.33 -36.53 -5.42
CA THR B 27 10.89 -37.88 -5.75
C THR B 27 9.91 -37.82 -6.93
N GLY B 28 9.79 -38.96 -7.65
CA GLY B 28 8.72 -39.17 -8.63
C GLY B 28 9.00 -38.48 -9.97
N HIS B 29 7.98 -37.74 -10.46
CA HIS B 29 8.01 -37.07 -11.75
C HIS B 29 8.99 -35.89 -11.77
N ASP B 30 9.35 -35.39 -10.58
CA ASP B 30 9.85 -34.05 -10.33
C ASP B 30 11.33 -34.00 -9.91
N SER B 31 12.03 -35.14 -9.94
CA SER B 31 13.28 -35.29 -9.22
C SER B 31 14.42 -34.51 -9.89
N PRO B 32 15.59 -34.36 -9.21
CA PRO B 32 16.71 -33.60 -9.76
C PRO B 32 17.02 -33.83 -11.23
N GLU B 33 16.91 -35.07 -11.69
CA GLU B 33 17.20 -35.41 -13.08
C GLU B 33 16.33 -34.59 -14.05
N SER B 34 15.10 -34.26 -13.64
CA SER B 34 14.06 -33.68 -14.49
C SER B 34 14.06 -32.16 -14.45
N TRP B 35 14.71 -31.56 -13.44
CA TRP B 35 14.56 -30.14 -13.14
C TRP B 35 14.80 -29.27 -14.36
N GLY B 36 15.86 -29.58 -15.12
CA GLY B 36 16.19 -28.85 -16.34
C GLY B 36 15.03 -28.82 -17.34
N ASN B 37 14.28 -29.94 -17.44
CA ASN B 37 13.19 -30.08 -18.39
C ASN B 37 11.93 -29.39 -17.88
N LEU B 38 11.71 -29.38 -16.57
CA LEU B 38 10.46 -28.87 -16.02
C LEU B 38 10.14 -27.49 -16.59
N SER B 39 11.17 -26.63 -16.77
CA SER B 39 10.95 -25.29 -17.26
C SER B 39 12.19 -24.76 -17.98
N GLU B 40 12.00 -23.72 -18.80
CA GLU B 40 13.11 -23.04 -19.48
C GLU B 40 13.85 -22.17 -18.46
N GLU B 41 13.13 -21.71 -17.43
CA GLU B 41 13.73 -20.91 -16.36
C GLU B 41 14.70 -21.76 -15.54
N PHE B 42 14.57 -23.10 -15.60
CA PHE B 42 15.36 -24.03 -14.81
C PHE B 42 16.36 -24.78 -15.67
N ARG B 43 16.68 -24.25 -16.85
CA ARG B 43 17.50 -24.99 -17.80
C ARG B 43 18.90 -25.20 -17.22
N LEU B 44 19.35 -24.32 -16.31
CA LEU B 44 20.73 -24.36 -15.86
C LEU B 44 20.94 -25.51 -14.85
N CYS B 45 19.84 -26.09 -14.35
CA CYS B 45 19.93 -27.22 -13.42
C CYS B 45 20.58 -28.43 -14.09
N SER B 46 20.48 -28.52 -15.43
CA SER B 46 21.11 -29.62 -16.13
C SER B 46 22.22 -29.16 -17.08
N THR B 47 22.27 -27.90 -17.52
CA THR B 47 23.35 -27.47 -18.42
C THR B 47 24.52 -26.77 -17.71
N GLY B 48 24.41 -26.41 -16.44
CA GLY B 48 25.44 -25.60 -15.80
C GLY B 48 26.69 -26.43 -15.45
N LYS B 49 27.83 -25.76 -15.30
CA LYS B 49 29.09 -26.44 -15.05
C LYS B 49 29.72 -26.00 -13.72
N ASN B 50 28.99 -25.15 -12.98
CA ASN B 50 29.44 -24.61 -11.70
C ASN B 50 28.27 -24.74 -10.72
N GLN B 51 27.71 -25.95 -10.63
CA GLN B 51 26.56 -26.29 -9.80
C GLN B 51 27.03 -26.82 -8.43
N SER B 52 26.11 -26.69 -7.47
CA SER B 52 26.23 -27.19 -6.12
C SER B 52 25.13 -28.23 -5.89
N PRO B 53 25.26 -29.17 -4.92
CA PRO B 53 26.42 -29.26 -4.02
C PRO B 53 27.62 -29.99 -4.60
N VAL B 54 28.68 -30.14 -3.79
CA VAL B 54 29.90 -30.81 -4.27
C VAL B 54 30.48 -31.70 -3.18
N ASN B 55 31.40 -32.56 -3.63
CA ASN B 55 32.33 -33.29 -2.78
C ASN B 55 33.65 -32.52 -2.79
N ILE B 56 34.08 -32.08 -1.61
CA ILE B 56 35.30 -31.33 -1.48
C ILE B 56 36.47 -32.31 -1.30
N THR B 57 37.23 -32.58 -2.37
CA THR B 57 38.28 -33.61 -2.30
C THR B 57 39.67 -32.96 -2.38
N GLU B 58 40.02 -32.40 -3.55
CA GLU B 58 41.38 -31.93 -3.76
C GLU B 58 41.44 -30.41 -3.62
N THR B 59 41.64 -29.96 -2.38
CA THR B 59 41.66 -28.53 -2.12
C THR B 59 43.04 -27.93 -2.43
N VAL B 60 43.05 -26.61 -2.51
CA VAL B 60 44.26 -25.83 -2.57
C VAL B 60 44.33 -25.03 -1.28
N SER B 61 45.41 -25.25 -0.54
CA SER B 61 45.66 -24.50 0.68
C SER B 61 45.98 -23.04 0.35
N GLY B 62 45.13 -22.12 0.82
CA GLY B 62 45.31 -20.69 0.58
C GLY B 62 45.04 -19.87 1.84
N LYS B 63 45.38 -18.56 1.79
CA LYS B 63 45.13 -17.64 2.90
C LYS B 63 43.79 -16.93 2.70
N LEU B 64 42.74 -17.48 3.34
CA LEU B 64 41.37 -17.03 3.14
C LEU B 64 41.07 -15.87 4.09
N PRO B 65 40.32 -14.83 3.66
CA PRO B 65 39.88 -13.79 4.58
C PRO B 65 38.96 -14.34 5.67
N ALA B 66 38.95 -13.68 6.83
CA ALA B 66 38.26 -14.16 8.02
C ALA B 66 36.82 -13.63 8.05
N ILE B 67 35.92 -14.48 8.55
CA ILE B 67 34.52 -14.17 8.66
C ILE B 67 34.29 -13.44 9.98
N LYS B 68 33.67 -12.27 9.94
CA LYS B 68 33.15 -11.60 11.12
C LYS B 68 31.63 -11.78 11.11
N VAL B 69 31.10 -12.44 12.15
CA VAL B 69 29.66 -12.66 12.28
C VAL B 69 29.09 -11.57 13.18
N ASN B 70 27.97 -10.97 12.76
CA ASN B 70 27.27 -9.97 13.56
C ASN B 70 25.78 -10.21 13.40
N TYR B 71 25.35 -11.29 14.05
CA TYR B 71 23.97 -11.70 14.17
C TYR B 71 23.47 -11.27 15.54
N LYS B 72 22.15 -11.25 15.75
CA LYS B 72 21.58 -10.70 16.98
C LYS B 72 20.13 -11.16 17.18
N PRO B 73 19.54 -10.99 18.37
CA PRO B 73 18.18 -11.49 18.62
C PRO B 73 17.25 -10.77 17.65
N SER B 74 16.50 -11.57 16.87
CA SER B 74 15.63 -11.02 15.85
C SER B 74 14.29 -11.73 15.90
N MET B 75 13.27 -11.12 15.31
CA MET B 75 11.97 -11.75 15.11
C MET B 75 11.97 -12.40 13.72
N VAL B 76 11.84 -13.74 13.69
CA VAL B 76 11.89 -14.52 12.46
C VAL B 76 10.53 -15.17 12.24
N ASP B 77 10.26 -15.55 10.99
CA ASP B 77 9.12 -16.36 10.63
C ASP B 77 9.67 -17.73 10.23
N VAL B 78 9.05 -18.81 10.75
CA VAL B 78 9.50 -20.15 10.44
C VAL B 78 8.48 -20.81 9.53
N GLU B 79 8.94 -21.33 8.38
CA GLU B 79 8.02 -21.79 7.33
C GLU B 79 8.44 -23.16 6.79
N ASN B 80 7.45 -24.02 6.53
CA ASN B 80 7.63 -25.21 5.71
C ASN B 80 7.10 -24.84 4.33
N ASN B 81 8.00 -24.74 3.32
CA ASN B 81 7.64 -24.32 1.97
C ASN B 81 7.52 -25.52 1.02
N GLY B 82 7.41 -26.73 1.58
CA GLY B 82 7.29 -27.95 0.80
C GLY B 82 8.64 -28.64 0.58
N HIS B 83 9.72 -27.86 0.48
CA HIS B 83 11.03 -28.35 0.07
C HIS B 83 12.03 -28.27 1.23
N THR B 84 11.68 -27.51 2.29
CA THR B 84 12.55 -27.32 3.45
C THR B 84 11.79 -26.67 4.61
N ILE B 85 12.49 -26.61 5.76
CA ILE B 85 12.11 -25.73 6.86
C ILE B 85 13.10 -24.57 6.87
N GLN B 86 12.54 -23.37 6.69
CA GLN B 86 13.31 -22.17 6.41
C GLN B 86 12.93 -21.08 7.39
N VAL B 87 13.95 -20.35 7.84
CA VAL B 87 13.78 -19.29 8.81
C VAL B 87 14.17 -17.97 8.15
N ASN B 88 13.16 -17.07 8.04
CA ASN B 88 13.19 -15.90 7.17
C ASN B 88 13.39 -14.64 7.99
N TYR B 89 14.11 -13.65 7.42
CA TYR B 89 14.44 -12.44 8.16
C TYR B 89 13.90 -11.20 7.45
N PRO B 90 12.65 -10.78 7.76
CA PRO B 90 12.07 -9.59 7.13
C PRO B 90 12.83 -8.27 7.31
N GLU B 91 13.55 -8.08 8.43
CA GLU B 91 14.48 -6.97 8.58
C GLU B 91 15.90 -7.42 8.23
N GLY B 92 16.73 -6.49 7.76
CA GLY B 92 18.18 -6.66 7.79
C GLY B 92 18.69 -6.62 9.23
N GLY B 93 20.01 -6.52 9.41
CA GLY B 93 20.60 -6.32 10.73
C GLY B 93 21.50 -7.48 11.16
N ASN B 94 21.21 -8.69 10.66
CA ASN B 94 22.11 -9.80 10.89
C ASN B 94 23.07 -9.86 9.71
N THR B 95 24.32 -9.42 9.89
CA THR B 95 25.26 -9.36 8.77
C THR B 95 26.43 -10.33 8.94
N LEU B 96 27.22 -10.40 7.89
CA LEU B 96 28.48 -11.15 7.85
C LEU B 96 29.45 -10.26 7.07
N THR B 97 30.59 -9.88 7.65
CA THR B 97 31.61 -9.21 6.87
C THR B 97 32.75 -10.19 6.53
N VAL B 98 33.10 -10.30 5.24
CA VAL B 98 34.31 -11.01 4.86
C VAL B 98 34.97 -10.26 3.69
N ASN B 99 36.29 -10.01 3.81
CA ASN B 99 37.06 -9.32 2.78
C ASN B 99 36.42 -7.96 2.48
N GLY B 100 36.00 -7.26 3.56
CA GLY B 100 35.52 -5.88 3.50
C GLY B 100 34.19 -5.70 2.77
N ARG B 101 33.45 -6.78 2.52
CA ARG B 101 32.12 -6.71 1.94
C ARG B 101 31.12 -7.21 2.98
N THR B 102 29.99 -6.51 3.08
CA THR B 102 28.98 -6.88 4.06
C THR B 102 27.85 -7.58 3.34
N TYR B 103 27.50 -8.78 3.86
CA TYR B 103 26.46 -9.65 3.34
C TYR B 103 25.41 -9.79 4.42
N THR B 104 24.13 -9.58 4.06
CA THR B 104 23.02 -9.61 5.01
C THR B 104 22.26 -10.94 4.93
N LEU B 105 22.11 -11.59 6.10
CA LEU B 105 21.35 -12.82 6.23
C LEU B 105 19.90 -12.54 5.88
N LYS B 106 19.32 -13.32 4.93
CA LYS B 106 17.95 -13.19 4.47
C LYS B 106 17.10 -14.32 5.06
N GLN B 107 17.64 -15.54 4.96
CA GLN B 107 17.04 -16.73 5.55
C GLN B 107 18.13 -17.77 5.79
N PHE B 108 17.81 -18.76 6.60
CA PHE B 108 18.58 -19.99 6.58
C PHE B 108 17.60 -21.14 6.56
N HIS B 109 18.06 -22.28 6.08
CA HIS B 109 17.23 -23.46 6.00
C HIS B 109 18.14 -24.68 6.01
N PHE B 110 17.52 -25.86 5.79
CA PHE B 110 18.13 -27.13 6.17
C PHE B 110 17.95 -28.19 5.08
N HIS B 111 18.94 -29.10 5.00
CA HIS B 111 18.84 -30.29 4.17
C HIS B 111 19.19 -31.52 4.99
N VAL B 112 18.38 -32.58 4.81
CA VAL B 112 18.61 -33.86 5.47
C VAL B 112 18.43 -34.97 4.44
N PRO B 113 19.45 -35.86 4.29
CA PRO B 113 20.81 -35.59 4.76
C PRO B 113 21.47 -34.35 4.11
N SER B 114 22.80 -34.27 4.23
CA SER B 114 23.52 -33.13 3.71
C SER B 114 23.62 -33.21 2.18
N GLU B 115 23.96 -32.05 1.58
CA GLU B 115 24.16 -31.89 0.16
C GLU B 115 25.65 -31.98 -0.18
N ASN B 116 26.43 -31.04 0.37
CA ASN B 116 27.88 -31.03 0.20
C ASN B 116 28.48 -32.20 0.98
N GLN B 117 29.61 -32.71 0.47
CA GLN B 117 30.32 -33.79 1.11
C GLN B 117 31.74 -33.29 1.35
N ILE B 118 32.45 -33.97 2.26
CA ILE B 118 33.86 -33.69 2.51
C ILE B 118 34.59 -35.01 2.34
N LYS B 119 35.40 -35.15 1.29
CA LYS B 119 36.08 -36.43 1.05
C LYS B 119 35.03 -37.56 1.01
N GLY B 120 33.87 -37.33 0.38
CA GLY B 120 32.84 -38.35 0.24
C GLY B 120 32.11 -38.73 1.55
N ARG B 121 32.26 -37.92 2.59
CA ARG B 121 31.53 -38.06 3.85
C ARG B 121 30.25 -37.24 3.76
N THR B 122 29.11 -37.90 4.02
CA THR B 122 27.83 -37.22 4.12
C THR B 122 27.46 -37.12 5.60
N PHE B 123 26.74 -36.03 5.92
CA PHE B 123 26.36 -35.75 7.29
C PHE B 123 24.84 -35.83 7.49
N PRO B 124 24.38 -36.24 8.69
CA PRO B 124 22.96 -36.21 9.06
C PRO B 124 22.16 -34.95 8.66
N MET B 125 22.78 -33.76 8.74
CA MET B 125 22.10 -32.54 8.32
C MET B 125 23.12 -31.49 7.87
N GLU B 126 22.62 -30.55 7.05
CA GLU B 126 23.33 -29.35 6.64
C GLU B 126 22.41 -28.14 6.72
N ALA B 127 22.90 -27.04 7.29
CA ALA B 127 22.20 -25.75 7.33
C ALA B 127 22.79 -24.84 6.27
N HIS B 128 21.94 -24.03 5.62
CA HIS B 128 22.39 -23.02 4.67
C HIS B 128 21.89 -21.63 5.08
N PHE B 129 22.83 -20.74 5.39
CA PHE B 129 22.61 -19.33 5.67
C PHE B 129 22.88 -18.51 4.41
N VAL B 130 21.80 -17.97 3.85
CA VAL B 130 21.84 -17.30 2.56
C VAL B 130 21.83 -15.79 2.77
N HIS B 131 22.80 -15.10 2.13
CA HIS B 131 22.99 -13.66 2.23
C HIS B 131 23.11 -13.02 0.84
N LEU B 132 22.77 -11.72 0.77
CA LEU B 132 23.11 -10.79 -0.30
C LEU B 132 23.90 -9.62 0.26
N ASP B 133 24.76 -9.01 -0.59
CA ASP B 133 25.42 -7.73 -0.31
C ASP B 133 24.75 -6.63 -1.13
N GLU B 134 25.21 -5.38 -0.92
CA GLU B 134 24.65 -4.22 -1.59
C GLU B 134 24.53 -4.55 -3.08
N ASN B 135 25.59 -5.11 -3.69
CA ASN B 135 25.64 -5.41 -5.12
C ASN B 135 24.75 -6.60 -5.52
N LYS B 136 24.04 -7.21 -4.55
CA LYS B 136 23.10 -8.29 -4.82
C LYS B 136 23.87 -9.57 -5.16
N GLN B 137 25.09 -9.70 -4.62
CA GLN B 137 25.89 -10.90 -4.74
C GLN B 137 25.47 -11.89 -3.64
N PRO B 138 24.95 -13.10 -4.00
CA PRO B 138 24.63 -14.15 -3.03
C PRO B 138 25.84 -14.85 -2.42
N LEU B 139 25.72 -15.24 -1.15
CA LEU B 139 26.77 -15.97 -0.47
C LEU B 139 26.10 -16.93 0.51
N VAL B 140 26.58 -18.19 0.54
CA VAL B 140 25.97 -19.20 1.38
C VAL B 140 27.04 -19.75 2.30
N LEU B 141 26.81 -19.57 3.60
CA LEU B 141 27.58 -20.20 4.67
C LEU B 141 26.87 -21.50 5.10
N ALA B 142 27.58 -22.62 4.96
CA ALA B 142 27.01 -23.89 5.36
C ALA B 142 27.64 -24.30 6.68
N VAL B 143 26.80 -24.95 7.50
CA VAL B 143 27.22 -25.67 8.70
C VAL B 143 26.81 -27.13 8.53
N LEU B 144 27.78 -28.03 8.72
CA LEU B 144 27.55 -29.46 8.62
C LEU B 144 27.28 -30.04 10.01
N TYR B 145 26.38 -31.03 10.09
CA TYR B 145 25.93 -31.52 11.38
C TYR B 145 26.24 -33.01 11.53
N GLU B 146 27.15 -33.33 12.46
CA GLU B 146 27.52 -34.68 12.88
C GLU B 146 26.39 -35.35 13.67
N ALA B 147 26.42 -36.69 13.73
CA ALA B 147 25.58 -37.39 14.70
C ALA B 147 26.12 -37.07 16.09
N GLY B 148 25.22 -36.82 17.05
CA GLY B 148 25.63 -36.48 18.41
C GLY B 148 24.47 -36.21 19.37
N LYS B 149 24.72 -35.34 20.35
CA LYS B 149 23.74 -34.94 21.35
C LYS B 149 22.57 -34.22 20.68
N THR B 150 21.37 -34.27 21.26
CA THR B 150 20.30 -33.34 20.92
C THR B 150 20.92 -31.96 20.74
N ASN B 151 20.53 -31.22 19.69
CA ASN B 151 20.95 -29.83 19.55
C ASN B 151 19.96 -28.96 20.29
N GLY B 152 20.41 -28.38 21.40
CA GLY B 152 19.54 -27.56 22.24
C GLY B 152 19.25 -26.21 21.59
N ARG B 153 20.23 -25.72 20.82
CA ARG B 153 20.18 -24.38 20.26
C ARG B 153 19.18 -24.30 19.10
N LEU B 154 18.87 -25.45 18.49
CA LEU B 154 17.91 -25.54 17.39
C LEU B 154 16.50 -25.83 17.89
N SER B 155 16.41 -26.23 19.15
CA SER B 155 15.17 -26.71 19.74
C SER B 155 14.01 -25.74 19.49
N SER B 156 14.24 -24.43 19.64
CA SER B 156 13.14 -23.48 19.56
C SER B 156 12.59 -23.34 18.12
N ILE B 157 13.39 -23.71 17.11
CA ILE B 157 12.93 -23.80 15.72
C ILE B 157 12.25 -25.14 15.47
N TRP B 158 12.84 -26.20 16.03
CA TRP B 158 12.30 -27.54 15.94
C TRP B 158 10.94 -27.65 16.62
N ASN B 159 10.84 -27.10 17.84
CA ASN B 159 9.64 -27.22 18.65
C ASN B 159 8.41 -26.67 17.90
N VAL B 160 8.60 -25.64 17.04
CA VAL B 160 7.51 -24.90 16.41
C VAL B 160 7.40 -25.23 14.92
N MET B 161 8.26 -26.16 14.46
CA MET B 161 8.43 -26.43 13.04
C MET B 161 7.08 -26.86 12.45
N PRO B 162 6.55 -26.14 11.43
CA PRO B 162 5.28 -26.56 10.82
C PRO B 162 5.44 -27.82 9.98
N MET B 163 4.51 -28.77 10.15
CA MET B 163 4.63 -30.11 9.58
C MET B 163 3.94 -30.25 8.22
N THR B 164 3.21 -29.20 7.79
CA THR B 164 2.55 -29.10 6.49
C THR B 164 2.99 -27.75 5.90
N ALA B 165 2.50 -27.31 4.74
CA ALA B 165 3.01 -26.07 4.09
C ALA B 165 2.53 -24.74 4.74
N GLY B 166 2.42 -24.65 6.09
CA GLY B 166 2.07 -23.42 6.82
C GLY B 166 3.28 -22.75 7.47
N LYS B 167 3.10 -21.65 8.21
CA LYS B 167 4.24 -20.97 8.83
C LYS B 167 3.90 -20.49 10.24
N VAL B 168 4.89 -20.55 11.14
CA VAL B 168 4.82 -19.94 12.47
C VAL B 168 5.37 -18.54 12.27
N LYS B 169 4.54 -17.71 11.63
CA LYS B 169 4.82 -16.29 11.44
C LYS B 169 5.15 -15.79 12.81
N LEU B 170 4.30 -16.24 13.75
CA LEU B 170 4.58 -15.94 15.13
C LEU B 170 6.03 -15.52 15.11
N ASN B 171 6.24 -14.33 14.53
CA ASN B 171 7.29 -13.45 14.98
C ASN B 171 7.94 -14.19 16.13
N GLN B 172 8.97 -14.97 15.78
CA GLN B 172 9.58 -15.89 16.70
C GLN B 172 10.94 -15.29 17.02
N PRO B 173 11.34 -15.29 18.29
CA PRO B 173 12.58 -14.63 18.68
C PRO B 173 13.72 -15.59 18.35
N PHE B 174 14.80 -15.11 17.76
CA PHE B 174 15.90 -16.01 17.51
C PHE B 174 17.17 -15.22 17.24
N ASP B 175 18.27 -15.71 17.84
CA ASP B 175 19.63 -15.23 17.65
C ASP B 175 20.44 -16.36 17.00
N ALA B 176 20.82 -16.14 15.74
CA ALA B 176 21.42 -17.19 14.94
C ALA B 176 22.91 -17.32 15.23
N SER B 177 23.49 -16.37 15.98
CA SER B 177 24.90 -16.46 16.35
C SER B 177 25.19 -17.76 17.11
N THR B 178 24.19 -18.21 17.86
CA THR B 178 24.15 -19.49 18.58
C THR B 178 24.48 -20.66 17.64
N LEU B 179 24.04 -20.56 16.37
CA LEU B 179 24.10 -21.64 15.41
C LEU B 179 25.44 -21.69 14.67
N LEU B 180 26.32 -20.71 14.89
CA LEU B 180 27.62 -20.73 14.23
C LEU B 180 28.70 -21.13 15.22
N PRO B 181 29.76 -21.85 14.78
CA PRO B 181 30.91 -22.09 15.64
C PRO B 181 31.68 -20.79 15.92
N LYS B 182 32.42 -20.79 17.04
CA LYS B 182 33.31 -19.68 17.37
C LYS B 182 34.54 -19.78 16.47
N ARG B 183 34.95 -21.01 16.08
CA ARG B 183 36.03 -21.21 15.09
C ARG B 183 35.45 -21.21 13.68
N LEU B 184 35.93 -20.28 12.85
CA LEU B 184 35.23 -19.90 11.62
C LEU B 184 36.15 -20.09 10.42
N LYS B 185 36.89 -21.22 10.45
CA LYS B 185 37.64 -21.72 9.31
C LYS B 185 36.67 -22.37 8.34
N TYR B 186 36.91 -22.19 7.03
CA TYR B 186 35.96 -22.62 6.01
C TYR B 186 36.67 -23.05 4.73
N TYR B 187 35.98 -23.90 3.96
CA TYR B 187 36.30 -24.14 2.56
C TYR B 187 35.60 -23.08 1.72
N ARG B 188 36.28 -22.61 0.65
CA ARG B 188 35.80 -21.56 -0.23
C ARG B 188 35.80 -22.08 -1.67
N PHE B 189 34.61 -22.05 -2.29
CA PHE B 189 34.46 -22.37 -3.70
C PHE B 189 33.24 -21.59 -4.22
N ALA B 190 33.00 -21.66 -5.53
CA ALA B 190 31.89 -21.01 -6.20
C ALA B 190 30.90 -22.04 -6.72
N GLY B 191 29.63 -21.64 -6.83
CA GLY B 191 28.66 -22.57 -7.39
C GLY B 191 27.32 -21.94 -7.70
N SER B 192 26.26 -22.58 -7.18
CA SER B 192 24.89 -22.37 -7.65
C SER B 192 23.94 -22.52 -6.47
N LEU B 193 22.68 -22.08 -6.63
CA LEU B 193 21.63 -22.56 -5.75
C LEU B 193 21.55 -24.08 -5.94
N THR B 194 21.21 -24.83 -4.87
CA THR B 194 21.12 -26.29 -4.94
C THR B 194 19.70 -26.71 -5.24
N THR B 195 18.80 -25.71 -5.36
CA THR B 195 17.40 -25.88 -5.72
C THR B 195 17.09 -25.07 -6.97
N PRO B 196 16.10 -25.41 -7.81
CA PRO B 196 15.81 -24.60 -9.01
C PRO B 196 15.44 -23.15 -8.67
N PRO B 197 15.80 -22.16 -9.54
CA PRO B 197 16.49 -22.39 -10.81
C PRO B 197 17.99 -22.71 -10.83
N CYS B 198 18.58 -23.09 -9.69
CA CYS B 198 19.98 -23.51 -9.67
C CYS B 198 20.88 -22.41 -10.24
N THR B 199 20.51 -21.14 -10.01
CA THR B 199 21.26 -19.97 -10.45
C THR B 199 22.72 -20.09 -10.02
N GLU B 200 23.62 -19.80 -10.96
CA GLU B 200 25.05 -19.74 -10.68
C GLU B 200 25.40 -18.34 -10.15
N GLY B 201 26.69 -18.12 -9.90
CA GLY B 201 27.16 -16.87 -9.30
C GLY B 201 27.09 -16.85 -7.78
N VAL B 202 26.98 -18.03 -7.11
CA VAL B 202 26.91 -18.11 -5.64
C VAL B 202 28.28 -18.42 -5.02
N SER B 203 28.60 -17.66 -3.96
CA SER B 203 29.74 -17.86 -3.07
C SER B 203 29.38 -18.88 -1.99
N TRP B 204 30.17 -19.97 -1.90
CA TRP B 204 29.94 -21.04 -0.96
C TRP B 204 31.07 -21.09 0.07
N LEU B 205 30.73 -20.76 1.33
CA LEU B 205 31.64 -20.89 2.46
C LEU B 205 31.17 -22.01 3.37
N VAL B 206 31.84 -23.18 3.29
CA VAL B 206 31.50 -24.37 4.09
C VAL B 206 32.41 -24.48 5.33
N LEU B 207 31.82 -24.35 6.54
CA LEU B 207 32.56 -24.32 7.79
C LEU B 207 33.07 -25.72 8.14
N LYS B 208 34.29 -25.77 8.70
CA LYS B 208 35.04 -27.00 8.96
C LYS B 208 34.74 -27.58 10.35
N THR B 209 34.38 -26.70 11.30
CA THR B 209 33.92 -27.16 12.61
C THR B 209 32.45 -27.58 12.50
N TYR B 210 32.18 -28.84 12.87
CA TYR B 210 30.86 -29.45 12.71
C TYR B 210 30.05 -29.21 13.98
N ASP B 211 28.73 -29.05 13.80
CA ASP B 211 27.80 -29.06 14.93
C ASP B 211 27.23 -30.48 15.03
N HIS B 212 26.19 -30.70 15.85
CA HIS B 212 25.62 -32.04 16.07
C HIS B 212 24.08 -32.02 16.06
N ILE B 213 23.47 -33.17 15.71
CA ILE B 213 22.03 -33.43 15.87
C ILE B 213 21.83 -34.87 16.30
N ASP B 214 20.59 -35.21 16.73
CA ASP B 214 20.11 -36.56 17.01
C ASP B 214 19.46 -37.21 15.79
N GLN B 215 19.27 -38.52 15.86
CA GLN B 215 18.35 -39.22 14.98
C GLN B 215 16.97 -38.54 15.06
N ALA B 216 16.48 -38.31 16.28
CA ALA B 216 15.11 -37.84 16.47
C ALA B 216 14.90 -36.51 15.76
N GLN B 217 15.81 -35.56 15.98
CA GLN B 217 15.75 -34.27 15.33
C GLN B 217 15.72 -34.40 13.81
N ALA B 218 16.53 -35.29 13.24
CA ALA B 218 16.62 -35.42 11.79
C ALA B 218 15.35 -36.02 11.18
N GLU B 219 14.75 -37.01 11.86
CA GLU B 219 13.55 -37.70 11.38
C GLU B 219 12.34 -36.76 11.40
N LYS B 220 12.30 -35.89 12.42
CA LYS B 220 11.24 -34.89 12.52
C LYS B 220 11.29 -33.94 11.33
N PHE B 221 12.51 -33.52 10.95
CA PHE B 221 12.67 -32.67 9.78
C PHE B 221 12.21 -33.42 8.53
N THR B 222 12.52 -34.73 8.43
CA THR B 222 12.18 -35.53 7.25
C THR B 222 10.66 -35.73 7.18
N ARG B 223 10.02 -35.99 8.34
CA ARG B 223 8.57 -36.18 8.45
C ARG B 223 7.84 -34.88 8.10
N ALA B 224 8.40 -33.75 8.54
CA ALA B 224 7.81 -32.43 8.36
C ALA B 224 7.78 -32.01 6.89
N VAL B 225 8.92 -32.12 6.21
CA VAL B 225 9.08 -31.72 4.81
C VAL B 225 8.57 -32.80 3.85
N GLY B 226 8.64 -34.09 4.26
CA GLY B 226 8.05 -35.19 3.52
C GLY B 226 9.02 -35.92 2.59
N SER B 227 10.28 -35.47 2.50
CA SER B 227 11.28 -36.18 1.72
C SER B 227 12.71 -35.85 2.20
N GLU B 228 13.66 -36.67 1.76
CA GLU B 228 15.07 -36.34 1.83
C GLU B 228 15.31 -35.25 0.80
N ASN B 229 15.67 -34.04 1.25
CA ASN B 229 15.66 -32.86 0.39
C ASN B 229 17.06 -32.43 0.00
N ASN B 230 17.95 -33.41 -0.22
CA ASN B 230 19.30 -33.17 -0.70
C ASN B 230 19.38 -33.52 -2.18
N ARG B 231 20.30 -32.84 -2.90
CA ARG B 231 20.54 -33.03 -4.33
C ARG B 231 21.82 -33.84 -4.57
N PRO B 232 21.88 -34.72 -5.61
CA PRO B 232 23.11 -35.42 -5.96
C PRO B 232 24.27 -34.43 -6.04
N VAL B 233 25.49 -34.89 -5.73
CA VAL B 233 26.65 -34.03 -5.77
C VAL B 233 27.04 -33.77 -7.22
N GLN B 234 27.53 -32.55 -7.49
CA GLN B 234 27.77 -32.08 -8.84
C GLN B 234 29.26 -32.05 -9.12
N PRO B 235 29.70 -32.22 -10.38
CA PRO B 235 31.11 -32.17 -10.74
C PRO B 235 31.71 -30.78 -10.55
N LEU B 236 32.94 -30.72 -10.06
CA LEU B 236 33.65 -29.46 -9.86
C LEU B 236 33.92 -28.77 -11.20
N ASN B 237 34.33 -29.61 -12.16
CA ASN B 237 34.73 -29.21 -13.50
C ASN B 237 36.02 -28.40 -13.36
N ALA B 238 35.98 -27.11 -13.73
CA ALA B 238 37.14 -26.26 -13.80
C ALA B 238 37.38 -25.56 -12.46
N ARG B 239 36.56 -25.88 -11.45
CA ARG B 239 36.59 -25.18 -10.17
C ARG B 239 37.52 -25.87 -9.17
N VAL B 240 38.19 -25.01 -8.39
CA VAL B 240 39.07 -25.36 -7.29
C VAL B 240 38.35 -24.98 -6.01
N VAL B 241 38.52 -25.82 -4.99
CA VAL B 241 38.10 -25.51 -3.63
C VAL B 241 39.33 -25.07 -2.86
N ILE B 242 39.21 -23.94 -2.15
CA ILE B 242 40.31 -23.40 -1.38
C ILE B 242 40.12 -23.77 0.08
N GLU B 243 41.18 -24.28 0.67
CA GLU B 243 41.15 -24.82 2.03
C GLU B 243 41.90 -23.83 2.94
N THR C 22 17.96 42.30 14.14
CA THR C 22 17.66 43.69 13.72
C THR C 22 16.17 43.82 13.38
N HIS C 23 15.57 44.89 13.92
CA HIS C 23 14.12 45.03 14.05
C HIS C 23 13.55 45.48 12.70
N TRP C 24 12.31 45.05 12.40
CA TRP C 24 11.58 45.54 11.25
C TRP C 24 10.06 45.35 11.45
N GLY C 25 9.26 46.05 10.62
CA GLY C 25 7.81 45.95 10.68
C GLY C 25 7.11 46.54 9.45
N TYR C 26 5.82 46.85 9.60
CA TYR C 26 4.99 47.23 8.46
C TYR C 26 4.44 48.65 8.62
N THR C 27 4.77 49.31 9.75
CA THR C 27 4.28 50.67 10.01
C THR C 27 5.30 51.39 10.91
N GLY C 28 5.16 52.73 10.98
CA GLY C 28 6.16 53.55 11.63
C GLY C 28 7.43 53.65 10.80
N HIS C 29 8.59 53.73 11.47
CA HIS C 29 9.86 54.14 10.88
C HIS C 29 10.63 52.97 10.29
N ASP C 30 10.25 51.74 10.66
CA ASP C 30 10.92 50.50 10.27
C ASP C 30 10.07 49.77 9.22
N SER C 31 9.28 50.54 8.46
CA SER C 31 8.28 50.01 7.55
C SER C 31 8.95 49.66 6.22
N PRO C 32 8.27 48.90 5.33
CA PRO C 32 8.92 48.37 4.12
C PRO C 32 9.79 49.30 3.27
N GLU C 33 9.38 50.56 3.04
CA GLU C 33 10.17 51.49 2.22
C GLU C 33 11.56 51.71 2.81
N SER C 34 11.74 51.32 4.09
CA SER C 34 12.97 51.58 4.83
C SER C 34 13.80 50.31 5.02
N TRP C 35 13.21 49.12 4.77
CA TRP C 35 13.83 47.84 5.05
C TRP C 35 15.27 47.83 4.51
N GLY C 36 15.47 48.47 3.35
CA GLY C 36 16.76 48.50 2.68
C GLY C 36 17.87 49.14 3.53
N ASN C 37 17.52 50.12 4.38
CA ASN C 37 18.49 50.94 5.09
C ASN C 37 18.71 50.49 6.54
N LEU C 38 17.89 49.57 7.05
CA LEU C 38 18.00 49.12 8.43
C LEU C 38 19.23 48.24 8.63
N SER C 39 19.84 47.74 7.55
CA SER C 39 20.91 46.76 7.65
C SER C 39 21.55 46.53 6.30
N GLU C 40 22.84 46.17 6.33
CA GLU C 40 23.52 45.71 5.14
C GLU C 40 22.89 44.39 4.65
N GLU C 41 22.43 43.55 5.60
CA GLU C 41 21.82 42.25 5.33
C GLU C 41 20.61 42.35 4.40
N PHE C 42 19.88 43.48 4.48
CA PHE C 42 18.56 43.68 3.89
C PHE C 42 18.59 44.58 2.66
N ARG C 43 19.78 44.88 2.12
CA ARG C 43 19.95 45.88 1.09
C ARG C 43 19.12 45.53 -0.14
N LEU C 44 18.92 44.21 -0.38
CA LEU C 44 18.28 43.73 -1.59
C LEU C 44 16.77 43.98 -1.50
N CYS C 45 16.26 44.28 -0.29
CA CYS C 45 14.91 44.79 -0.16
C CYS C 45 14.72 46.05 -1.00
N SER C 46 15.71 46.94 -1.06
CA SER C 46 15.53 48.19 -1.79
C SER C 46 16.12 48.12 -3.20
N THR C 47 17.15 47.31 -3.41
CA THR C 47 17.87 47.34 -4.68
C THR C 47 17.49 46.19 -5.59
N GLY C 48 16.76 45.19 -5.11
CA GLY C 48 16.44 44.02 -5.92
C GLY C 48 15.53 44.37 -7.10
N LYS C 49 15.60 43.56 -8.16
CA LYS C 49 14.83 43.80 -9.37
C LYS C 49 13.85 42.66 -9.64
N ASN C 50 13.95 41.58 -8.86
CA ASN C 50 13.02 40.46 -8.92
C ASN C 50 12.39 40.21 -7.55
N GLN C 51 11.74 41.25 -7.00
CA GLN C 51 11.17 41.28 -5.66
C GLN C 51 9.69 40.89 -5.69
N SER C 52 9.26 40.16 -4.64
CA SER C 52 7.84 39.86 -4.41
C SER C 52 7.28 40.75 -3.29
N PRO C 53 5.96 40.99 -3.18
CA PRO C 53 4.93 40.50 -4.10
C PRO C 53 4.72 41.41 -5.30
N VAL C 54 3.85 41.01 -6.24
CA VAL C 54 3.64 41.71 -7.50
C VAL C 54 2.14 41.92 -7.75
N ASN C 55 1.83 42.88 -8.63
CA ASN C 55 0.50 42.96 -9.23
C ASN C 55 0.54 42.19 -10.55
N ILE C 56 -0.21 41.09 -10.61
CA ILE C 56 -0.25 40.26 -11.79
C ILE C 56 -1.26 40.87 -12.76
N THR C 57 -0.81 41.58 -13.80
CA THR C 57 -1.75 42.21 -14.72
C THR C 57 -1.67 41.53 -16.09
N GLU C 58 -0.55 41.73 -16.78
CA GLU C 58 -0.27 41.01 -18.01
C GLU C 58 0.34 39.65 -17.68
N THR C 59 -0.03 38.67 -18.51
CA THR C 59 0.51 37.33 -18.42
C THR C 59 0.77 36.75 -19.81
N VAL C 60 1.27 35.52 -19.83
CA VAL C 60 1.52 34.79 -21.05
C VAL C 60 0.93 33.41 -20.83
N SER C 61 0.00 33.04 -21.71
CA SER C 61 -0.61 31.72 -21.67
C SER C 61 0.45 30.71 -22.06
N GLY C 62 0.76 29.76 -21.17
CA GLY C 62 1.74 28.73 -21.45
C GLY C 62 1.31 27.39 -20.85
N LYS C 63 1.92 26.30 -21.34
CA LYS C 63 1.64 24.96 -20.86
C LYS C 63 2.53 24.69 -19.66
N LEU C 64 2.00 24.98 -18.47
CA LEU C 64 2.74 24.90 -17.22
C LEU C 64 2.65 23.48 -16.67
N PRO C 65 3.71 22.97 -16.01
CA PRO C 65 3.66 21.59 -15.49
C PRO C 65 2.69 21.44 -14.31
N ALA C 66 1.92 20.35 -14.33
CA ALA C 66 0.89 20.10 -13.34
C ALA C 66 1.53 19.95 -11.96
N ILE C 67 0.87 20.52 -10.93
CA ILE C 67 1.23 20.35 -9.52
C ILE C 67 0.68 19.02 -8.99
N LYS C 68 1.50 18.34 -8.18
CA LYS C 68 1.13 17.13 -7.46
C LYS C 68 1.34 17.38 -5.95
N VAL C 69 0.25 17.38 -5.17
CA VAL C 69 0.38 17.60 -3.73
C VAL C 69 0.42 16.24 -3.05
N ASN C 70 1.36 16.10 -2.12
CA ASN C 70 1.52 14.92 -1.29
C ASN C 70 1.59 15.45 0.13
N TYR C 71 0.50 16.10 0.54
CA TYR C 71 0.35 16.59 1.90
C TYR C 71 -0.39 15.52 2.70
N LYS C 72 -0.11 15.44 4.01
CA LYS C 72 -0.77 14.48 4.88
C LYS C 72 -0.91 15.12 6.27
N PRO C 73 -1.67 14.47 7.19
CA PRO C 73 -1.70 14.88 8.60
C PRO C 73 -0.35 14.82 9.30
N SER C 74 0.00 15.93 9.96
CA SER C 74 1.25 16.00 10.70
C SER C 74 1.02 16.72 12.01
N MET C 75 2.02 16.63 12.89
CA MET C 75 2.01 17.35 14.16
C MET C 75 2.77 18.65 13.94
N VAL C 76 2.07 19.79 14.07
CA VAL C 76 2.57 21.11 13.73
C VAL C 76 2.62 21.99 14.98
N ASP C 77 3.56 22.95 15.05
CA ASP C 77 3.47 24.06 15.99
C ASP C 77 2.76 25.21 15.29
N VAL C 78 1.97 25.99 16.04
CA VAL C 78 1.46 27.27 15.59
C VAL C 78 2.28 28.36 16.29
N GLU C 79 2.74 29.35 15.51
CA GLU C 79 3.70 30.32 16.00
C GLU C 79 3.28 31.73 15.62
N ASN C 80 3.29 32.62 16.60
CA ASN C 80 3.29 34.06 16.39
C ASN C 80 4.72 34.55 16.58
N ASN C 81 5.28 35.22 15.57
CA ASN C 81 6.71 35.51 15.55
C ASN C 81 6.93 37.03 15.46
N GLY C 82 5.84 37.80 15.68
CA GLY C 82 5.88 39.25 15.55
C GLY C 82 5.28 39.75 14.23
N HIS C 83 5.54 39.07 13.13
CA HIS C 83 5.24 39.56 11.80
C HIS C 83 4.10 38.78 11.14
N THR C 84 3.81 37.56 11.66
CA THR C 84 2.81 36.68 11.04
C THR C 84 2.40 35.56 12.00
N ILE C 85 1.35 34.84 11.58
CA ILE C 85 0.96 33.59 12.23
C ILE C 85 1.39 32.43 11.35
N GLN C 86 2.39 31.69 11.84
CA GLN C 86 3.10 30.64 11.11
C GLN C 86 2.75 29.28 11.69
N VAL C 87 2.80 28.23 10.85
CA VAL C 87 2.57 26.85 11.26
C VAL C 87 3.76 26.02 10.80
N ASN C 88 4.59 25.56 11.76
CA ASN C 88 5.86 24.92 11.45
C ASN C 88 5.70 23.40 11.36
N TYR C 89 6.40 22.81 10.37
CA TYR C 89 6.47 21.37 10.18
C TYR C 89 7.87 20.89 10.54
N PRO C 90 8.11 20.44 11.79
CA PRO C 90 9.43 19.92 12.18
C PRO C 90 9.90 18.66 11.45
N GLU C 91 8.98 17.91 10.81
CA GLU C 91 9.38 16.79 9.95
C GLU C 91 8.97 17.05 8.52
N GLY C 92 9.83 16.65 7.57
CA GLY C 92 9.44 16.51 6.17
C GLY C 92 8.29 15.50 6.06
N GLY C 93 7.79 15.19 4.88
CA GLY C 93 6.63 14.32 4.80
C GLY C 93 5.47 14.93 4.02
N ASN C 94 5.28 16.26 4.09
CA ASN C 94 4.43 16.99 3.16
C ASN C 94 5.24 17.53 2.00
N THR C 95 4.88 17.15 0.76
CA THR C 95 5.65 17.57 -0.40
C THR C 95 4.75 18.04 -1.54
N LEU C 96 5.38 18.77 -2.47
CA LEU C 96 4.87 19.14 -3.78
C LEU C 96 5.81 18.54 -4.82
N THR C 97 5.27 17.82 -5.82
CA THR C 97 6.05 17.46 -6.99
C THR C 97 5.60 18.31 -8.17
N VAL C 98 6.52 19.13 -8.72
CA VAL C 98 6.22 19.91 -9.91
C VAL C 98 7.40 19.77 -10.87
N ASN C 99 7.08 19.30 -12.10
CA ASN C 99 8.01 19.23 -13.21
C ASN C 99 9.24 18.43 -12.78
N GLY C 100 9.02 17.22 -12.25
CA GLY C 100 10.13 16.35 -11.89
C GLY C 100 10.71 16.55 -10.47
N ARG C 101 10.68 17.77 -9.92
CA ARG C 101 11.38 18.08 -8.67
C ARG C 101 10.42 18.05 -7.48
N THR C 102 10.87 17.49 -6.35
CA THR C 102 10.05 17.37 -5.16
C THR C 102 10.47 18.46 -4.17
N TYR C 103 9.47 19.10 -3.54
CA TYR C 103 9.67 20.26 -2.69
C TYR C 103 9.02 20.00 -1.34
N THR C 104 9.84 20.04 -0.28
CA THR C 104 9.38 19.75 1.07
C THR C 104 8.80 21.01 1.69
N LEU C 105 7.58 20.90 2.25
CA LEU C 105 6.93 21.97 2.98
C LEU C 105 7.55 22.10 4.36
N LYS C 106 8.05 23.30 4.66
CA LYS C 106 8.70 23.58 5.95
C LYS C 106 7.71 24.26 6.89
N GLN C 107 6.91 25.17 6.35
CA GLN C 107 6.03 26.01 7.15
C GLN C 107 5.03 26.69 6.21
N PHE C 108 3.93 27.19 6.79
CA PHE C 108 3.00 28.04 6.05
C PHE C 108 2.52 29.15 6.97
N HIS C 109 2.12 30.26 6.36
CA HIS C 109 1.84 31.45 7.13
C HIS C 109 1.07 32.43 6.26
N PHE C 110 0.67 33.54 6.88
CA PHE C 110 -0.49 34.29 6.43
C PHE C 110 -0.13 35.77 6.33
N HIS C 111 -0.83 36.46 5.40
CA HIS C 111 -0.79 37.91 5.32
C HIS C 111 -2.22 38.42 5.17
N VAL C 112 -2.54 39.42 6.00
CA VAL C 112 -3.79 40.13 5.94
C VAL C 112 -3.50 41.62 5.80
N PRO C 113 -3.89 42.24 4.66
CA PRO C 113 -4.52 41.53 3.54
C PRO C 113 -3.50 40.91 2.58
N SER C 114 -3.95 40.44 1.40
CA SER C 114 -3.03 39.73 0.51
C SER C 114 -1.87 40.65 0.15
N GLU C 115 -0.72 40.04 -0.20
CA GLU C 115 0.46 40.77 -0.66
C GLU C 115 0.46 40.87 -2.19
N ASN C 116 0.25 39.73 -2.84
CA ASN C 116 0.11 39.66 -4.28
C ASN C 116 -1.28 40.15 -4.65
N GLN C 117 -1.41 40.69 -5.87
CA GLN C 117 -2.68 41.16 -6.43
C GLN C 117 -2.93 40.58 -7.82
N ILE C 118 -4.21 40.46 -8.19
CA ILE C 118 -4.63 40.05 -9.53
C ILE C 118 -5.42 41.21 -10.13
N LYS C 119 -4.83 41.85 -11.16
CA LYS C 119 -5.49 42.91 -11.93
C LYS C 119 -5.91 44.06 -11.01
N GLY C 120 -5.06 44.38 -10.02
CA GLY C 120 -5.33 45.45 -9.08
C GLY C 120 -6.13 44.98 -7.85
N ARG C 121 -6.73 43.79 -7.93
CA ARG C 121 -7.51 43.23 -6.84
C ARG C 121 -6.59 42.76 -5.69
N THR C 122 -6.79 43.33 -4.49
CA THR C 122 -6.23 42.85 -3.23
C THR C 122 -7.29 42.05 -2.48
N PHE C 123 -6.87 40.92 -1.90
CA PHE C 123 -7.77 39.97 -1.28
C PHE C 123 -7.70 40.09 0.24
N PRO C 124 -8.81 39.75 0.96
CA PRO C 124 -8.84 39.79 2.42
C PRO C 124 -7.66 39.10 3.12
N MET C 125 -7.18 37.96 2.57
CA MET C 125 -6.01 37.29 3.12
C MET C 125 -5.27 36.48 2.05
N GLU C 126 -4.01 36.12 2.36
CA GLU C 126 -3.25 35.19 1.55
C GLU C 126 -2.39 34.26 2.41
N ALA C 127 -2.25 33.01 1.95
CA ALA C 127 -1.41 32.00 2.59
C ALA C 127 -0.18 31.77 1.72
N HIS C 128 0.97 31.60 2.36
CA HIS C 128 2.20 31.19 1.68
C HIS C 128 2.69 29.86 2.27
N PHE C 129 2.79 28.84 1.41
CA PHE C 129 3.27 27.52 1.74
C PHE C 129 4.70 27.40 1.21
N VAL C 130 5.65 27.45 2.13
CA VAL C 130 7.07 27.61 1.85
C VAL C 130 7.78 26.27 1.91
N HIS C 131 8.52 25.97 0.83
CA HIS C 131 9.15 24.69 0.56
C HIS C 131 10.59 24.92 0.15
N LEU C 132 11.42 23.88 0.37
CA LEU C 132 12.75 23.71 -0.19
C LEU C 132 12.80 22.35 -0.89
N ASP C 133 13.50 22.21 -2.02
CA ASP C 133 13.82 20.89 -2.58
C ASP C 133 15.19 20.44 -2.10
N GLU C 134 15.68 19.32 -2.68
CA GLU C 134 16.93 18.69 -2.30
C GLU C 134 18.10 19.68 -2.32
N ASN C 135 18.07 20.62 -3.30
CA ASN C 135 19.15 21.58 -3.52
C ASN C 135 18.92 22.91 -2.81
N LYS C 136 17.86 23.00 -2.01
CA LYS C 136 17.56 24.25 -1.30
C LYS C 136 17.15 25.33 -2.30
N GLN C 137 16.52 24.94 -3.41
CA GLN C 137 15.84 25.86 -4.30
C GLN C 137 14.49 26.14 -3.66
N PRO C 138 14.21 27.38 -3.18
CA PRO C 138 12.92 27.69 -2.53
C PRO C 138 11.74 27.90 -3.48
N LEU C 139 10.57 27.37 -3.09
CA LEU C 139 9.37 27.54 -3.89
C LEU C 139 8.23 27.85 -2.91
N VAL C 140 7.47 28.94 -3.19
CA VAL C 140 6.32 29.33 -2.38
C VAL C 140 5.04 29.06 -3.17
N LEU C 141 4.05 28.45 -2.51
CA LEU C 141 2.75 28.24 -3.13
C LEU C 141 1.75 29.07 -2.33
N ALA C 142 0.94 29.82 -3.08
CA ALA C 142 0.09 30.84 -2.51
C ALA C 142 -1.37 30.51 -2.78
N VAL C 143 -2.18 30.67 -1.73
CA VAL C 143 -3.63 30.57 -1.81
C VAL C 143 -4.18 31.95 -1.45
N LEU C 144 -5.10 32.44 -2.30
CA LEU C 144 -5.77 33.70 -2.08
C LEU C 144 -7.19 33.46 -1.54
N TYR C 145 -7.54 34.24 -0.52
CA TYR C 145 -8.80 34.05 0.19
C TYR C 145 -9.70 35.22 -0.14
N GLU C 146 -10.78 34.95 -0.86
CA GLU C 146 -11.81 35.96 -1.07
C GLU C 146 -12.79 35.97 0.12
N ALA C 147 -13.52 37.09 0.25
CA ALA C 147 -14.47 37.29 1.34
C ALA C 147 -15.62 36.31 1.18
N GLY C 148 -16.09 35.74 2.30
CA GLY C 148 -17.14 34.74 2.19
C GLY C 148 -17.49 34.16 3.55
N LYS C 149 -17.86 32.87 3.54
CA LYS C 149 -18.29 32.19 4.75
C LYS C 149 -17.08 31.82 5.60
N THR C 150 -17.35 31.41 6.83
CA THR C 150 -16.29 31.04 7.76
C THR C 150 -15.52 29.90 7.13
N ASN C 151 -14.21 29.86 7.41
CA ASN C 151 -13.36 28.82 6.85
C ASN C 151 -13.24 27.75 7.92
N GLY C 152 -13.95 26.64 7.70
CA GLY C 152 -14.00 25.54 8.65
C GLY C 152 -12.63 24.91 8.86
N ARG C 153 -11.88 24.77 7.77
CA ARG C 153 -10.62 24.05 7.76
C ARG C 153 -9.51 24.80 8.52
N LEU C 154 -9.69 26.11 8.76
CA LEU C 154 -8.69 26.93 9.44
C LEU C 154 -9.01 27.08 10.91
N SER C 155 -10.18 26.57 11.38
CA SER C 155 -10.63 26.85 12.74
C SER C 155 -9.76 26.19 13.79
N SER C 156 -9.12 25.06 13.46
CA SER C 156 -8.16 24.39 14.33
C SER C 156 -6.96 25.27 14.68
N ILE C 157 -6.56 26.13 13.73
CA ILE C 157 -5.39 26.99 13.82
C ILE C 157 -5.80 28.30 14.49
N TRP C 158 -6.89 28.88 14.00
CA TRP C 158 -7.39 30.13 14.57
C TRP C 158 -7.68 29.95 16.04
N ASN C 159 -8.35 28.84 16.40
CA ASN C 159 -8.74 28.54 17.77
C ASN C 159 -7.55 28.67 18.73
N VAL C 160 -6.35 28.18 18.36
CA VAL C 160 -5.22 28.20 19.29
C VAL C 160 -4.21 29.28 18.91
N MET C 161 -4.50 30.06 17.87
CA MET C 161 -3.66 31.17 17.40
C MET C 161 -3.10 31.96 18.58
N PRO C 162 -1.76 31.98 18.79
CA PRO C 162 -1.14 32.82 19.82
C PRO C 162 -1.25 34.32 19.52
N MET C 163 -1.85 35.06 20.47
CA MET C 163 -2.25 36.45 20.27
C MET C 163 -1.09 37.39 20.56
N THR C 164 -0.01 36.90 21.19
CA THR C 164 1.27 37.60 21.25
C THR C 164 2.39 36.64 20.87
N ALA C 165 3.62 37.14 20.71
CA ALA C 165 4.74 36.30 20.27
C ALA C 165 4.79 35.02 21.10
N GLY C 166 4.89 33.85 20.46
CA GLY C 166 4.92 32.57 21.18
C GLY C 166 4.51 31.38 20.31
N LYS C 167 4.47 30.19 20.92
CA LYS C 167 4.39 28.90 20.21
C LYS C 167 3.49 27.94 20.99
N VAL C 168 2.56 27.28 20.28
CA VAL C 168 1.63 26.27 20.80
C VAL C 168 1.79 25.02 19.94
N LYS C 169 2.14 23.87 20.53
CA LYS C 169 2.07 22.60 19.82
C LYS C 169 0.60 22.21 19.72
N LEU C 170 0.16 21.76 18.54
CA LEU C 170 -1.22 21.34 18.41
C LEU C 170 -1.27 19.85 18.78
N ASN C 171 -2.13 19.51 19.74
CA ASN C 171 -2.39 18.15 20.15
C ASN C 171 -2.99 17.31 19.01
N GLN C 172 -3.94 17.88 18.27
CA GLN C 172 -4.61 17.15 17.21
C GLN C 172 -3.84 17.40 15.91
N PRO C 173 -3.53 16.34 15.14
CA PRO C 173 -2.76 16.48 13.90
C PRO C 173 -3.50 17.34 12.87
N PHE C 174 -2.74 18.18 12.11
CA PHE C 174 -3.30 19.07 11.12
C PHE C 174 -3.01 18.59 9.69
N ASP C 175 -4.05 18.61 8.84
CA ASP C 175 -3.94 18.18 7.44
C ASP C 175 -4.04 19.37 6.48
N ALA C 176 -2.87 19.79 5.95
CA ALA C 176 -2.75 20.96 5.10
C ALA C 176 -3.34 20.70 3.71
N SER C 177 -3.62 19.43 3.40
CA SER C 177 -4.22 19.04 2.12
C SER C 177 -5.59 19.69 1.93
N THR C 178 -6.26 20.00 3.05
CA THR C 178 -7.59 20.59 3.05
C THR C 178 -7.54 22.07 2.71
N LEU C 179 -6.35 22.68 2.73
CA LEU C 179 -6.16 24.12 2.54
C LEU C 179 -5.84 24.50 1.10
N LEU C 180 -5.54 23.48 0.29
CA LEU C 180 -5.30 23.57 -1.15
C LEU C 180 -6.52 23.06 -1.92
N PRO C 181 -6.82 23.62 -3.12
CA PRO C 181 -7.93 23.14 -3.93
C PRO C 181 -7.61 21.87 -4.70
N LYS C 182 -8.67 21.23 -5.22
CA LYS C 182 -8.52 20.16 -6.19
C LYS C 182 -8.16 20.72 -7.56
N ARG C 183 -8.51 22.00 -7.84
CA ARG C 183 -8.14 22.68 -9.08
C ARG C 183 -6.87 23.52 -8.84
N LEU C 184 -5.78 23.08 -9.51
CA LEU C 184 -4.40 23.46 -9.18
C LEU C 184 -3.74 24.21 -10.34
N LYS C 185 -4.55 24.94 -11.12
CA LYS C 185 -4.04 25.87 -12.10
C LYS C 185 -3.38 27.01 -11.32
N TYR C 186 -2.34 27.63 -11.88
CA TYR C 186 -1.54 28.60 -11.14
C TYR C 186 -0.82 29.60 -12.06
N TYR C 187 -0.43 30.74 -11.49
CA TYR C 187 0.47 31.67 -12.15
C TYR C 187 1.93 31.35 -11.78
N ARG C 188 2.85 31.43 -12.72
CA ARG C 188 4.25 31.11 -12.44
C ARG C 188 5.09 32.33 -12.81
N PHE C 189 5.83 32.81 -11.79
CA PHE C 189 6.86 33.82 -11.93
C PHE C 189 7.98 33.54 -10.95
N ALA C 190 9.15 34.13 -11.20
CA ALA C 190 10.26 34.14 -10.25
C ALA C 190 10.10 35.35 -9.33
N GLY C 191 10.76 35.31 -8.15
CA GLY C 191 10.72 36.47 -7.27
C GLY C 191 11.60 36.34 -6.04
N SER C 192 11.10 36.86 -4.91
CA SER C 192 11.86 36.96 -3.67
C SER C 192 11.01 36.58 -2.46
N LEU C 193 11.64 36.60 -1.27
CA LEU C 193 10.92 36.62 -0.02
C LEU C 193 10.22 37.98 0.09
N THR C 194 9.07 38.02 0.80
CA THR C 194 8.36 39.25 0.95
C THR C 194 8.72 39.90 2.27
N THR C 195 9.62 39.25 3.02
CA THR C 195 10.15 39.76 4.28
C THR C 195 11.69 39.74 4.28
N PRO C 196 12.33 40.65 5.06
CA PRO C 196 13.80 40.73 5.13
C PRO C 196 14.49 39.41 5.44
N PRO C 197 15.63 39.04 4.80
CA PRO C 197 16.33 39.91 3.84
C PRO C 197 15.88 40.00 2.38
N CYS C 198 14.60 39.71 2.09
CA CYS C 198 14.06 39.87 0.74
C CYS C 198 14.92 39.13 -0.30
N THR C 199 15.43 37.94 0.06
CA THR C 199 16.27 37.08 -0.77
C THR C 199 15.55 36.68 -2.06
N GLU C 200 16.29 36.60 -3.16
CA GLU C 200 15.71 36.30 -4.46
C GLU C 200 15.98 34.84 -4.80
N GLY C 201 15.52 34.41 -5.99
CA GLY C 201 15.69 33.03 -6.41
C GLY C 201 14.57 32.12 -5.90
N VAL C 202 13.41 32.73 -5.58
CA VAL C 202 12.24 32.03 -5.05
C VAL C 202 11.23 31.82 -6.17
N SER C 203 10.76 30.56 -6.31
CA SER C 203 9.77 30.20 -7.30
C SER C 203 8.39 30.52 -6.74
N TRP C 204 7.59 31.26 -7.53
CA TRP C 204 6.28 31.68 -7.10
C TRP C 204 5.20 31.03 -7.98
N LEU C 205 4.38 30.22 -7.33
CA LEU C 205 3.21 29.59 -7.92
C LEU C 205 2.02 30.15 -7.16
N VAL C 206 1.15 30.90 -7.85
CA VAL C 206 -0.04 31.47 -7.24
C VAL C 206 -1.27 30.83 -7.88
N LEU C 207 -2.05 30.13 -7.05
CA LEU C 207 -3.20 29.34 -7.50
C LEU C 207 -4.35 30.28 -7.89
N LYS C 208 -5.09 29.86 -8.93
CA LYS C 208 -6.17 30.62 -9.50
C LYS C 208 -7.50 30.40 -8.76
N THR C 209 -7.68 29.21 -8.17
CA THR C 209 -8.87 28.92 -7.40
C THR C 209 -8.63 29.43 -6.00
N TYR C 210 -9.55 30.32 -5.58
CA TYR C 210 -9.50 31.06 -4.33
C TYR C 210 -10.32 30.32 -3.27
N ASP C 211 -9.82 30.34 -2.02
CA ASP C 211 -10.55 29.85 -0.86
C ASP C 211 -11.35 31.05 -0.33
N HIS C 212 -11.93 30.94 0.88
CA HIS C 212 -12.74 32.00 1.47
C HIS C 212 -12.38 32.25 2.94
N ILE C 213 -12.76 33.45 3.47
CA ILE C 213 -12.74 33.74 4.91
C ILE C 213 -13.82 34.74 5.34
N ASP C 214 -14.10 34.71 6.66
CA ASP C 214 -14.82 35.70 7.45
C ASP C 214 -14.04 36.99 7.69
N GLN C 215 -14.80 38.06 7.98
CA GLN C 215 -14.24 39.30 8.49
C GLN C 215 -13.65 39.05 9.88
N ALA C 216 -14.30 38.19 10.69
CA ALA C 216 -13.81 37.85 12.02
C ALA C 216 -12.48 37.11 11.98
N GLN C 217 -12.32 36.09 11.11
CA GLN C 217 -11.05 35.38 11.03
C GLN C 217 -9.94 36.36 10.63
N ALA C 218 -10.25 37.29 9.72
CA ALA C 218 -9.29 38.27 9.23
C ALA C 218 -8.92 39.27 10.33
N GLU C 219 -9.94 39.81 11.01
CA GLU C 219 -9.72 40.74 12.10
C GLU C 219 -8.89 40.10 13.23
N LYS C 220 -9.21 38.83 13.54
CA LYS C 220 -8.55 38.13 14.61
C LYS C 220 -7.07 37.95 14.28
N PHE C 221 -6.77 37.60 13.03
CA PHE C 221 -5.38 37.49 12.61
C PHE C 221 -4.67 38.82 12.90
N THR C 222 -5.26 39.93 12.44
CA THR C 222 -4.67 41.26 12.59
C THR C 222 -4.50 41.65 14.06
N ARG C 223 -5.51 41.35 14.89
CA ARG C 223 -5.38 41.46 16.34
C ARG C 223 -4.10 40.76 16.81
N ALA C 224 -3.96 39.48 16.43
CA ALA C 224 -2.89 38.62 16.92
C ALA C 224 -1.52 39.09 16.44
N VAL C 225 -1.40 39.46 15.16
CA VAL C 225 -0.13 39.85 14.58
C VAL C 225 0.25 41.26 15.03
N GLY C 226 -0.76 42.13 15.14
CA GLY C 226 -0.56 43.46 15.69
C GLY C 226 -0.71 44.57 14.65
N SER C 227 -0.89 44.19 13.39
CA SER C 227 -1.10 45.14 12.31
C SER C 227 -1.46 44.44 10.99
N GLU C 228 -1.47 45.23 9.90
CA GLU C 228 -1.57 44.70 8.55
C GLU C 228 -0.16 44.32 8.10
N ASN C 229 0.02 43.11 7.57
CA ASN C 229 1.37 42.64 7.29
C ASN C 229 1.53 42.26 5.82
N ASN C 230 1.08 43.13 4.91
CA ASN C 230 1.34 42.97 3.50
C ASN C 230 2.40 43.98 3.10
N ARG C 231 3.46 43.49 2.46
CA ARG C 231 4.45 44.34 1.85
C ARG C 231 3.81 44.93 0.59
N PRO C 232 4.07 46.22 0.27
CA PRO C 232 3.60 46.78 -1.00
C PRO C 232 4.16 46.02 -2.20
N VAL C 233 3.33 45.89 -3.25
CA VAL C 233 3.65 45.16 -4.46
C VAL C 233 4.84 45.83 -5.14
N GLN C 234 5.60 45.05 -5.95
CA GLN C 234 6.86 45.50 -6.52
C GLN C 234 6.81 45.46 -8.06
N PRO C 235 7.68 46.23 -8.75
CA PRO C 235 7.64 46.26 -10.20
C PRO C 235 8.09 44.88 -10.71
N LEU C 236 7.35 44.38 -11.71
CA LEU C 236 7.73 43.17 -12.40
C LEU C 236 9.08 43.35 -13.09
N ASN C 237 9.32 44.54 -13.67
CA ASN C 237 10.52 44.81 -14.44
C ASN C 237 10.54 43.87 -15.65
N ALA C 238 11.55 42.97 -15.73
CA ALA C 238 11.79 42.11 -16.88
C ALA C 238 11.01 40.79 -16.83
N ARG C 239 10.32 40.53 -15.71
CA ARG C 239 9.75 39.21 -15.48
C ARG C 239 8.40 39.10 -16.20
N VAL C 240 8.13 37.92 -16.77
CA VAL C 240 6.82 37.50 -17.23
C VAL C 240 6.19 36.52 -16.24
N VAL C 241 4.89 36.74 -16.00
CA VAL C 241 4.00 35.81 -15.33
C VAL C 241 3.37 34.89 -16.37
N ILE C 242 3.60 33.58 -16.26
CA ILE C 242 2.97 32.60 -17.15
C ILE C 242 1.64 32.23 -16.50
N GLU C 243 0.60 31.97 -17.31
CA GLU C 243 -0.67 31.42 -16.85
C GLU C 243 -1.08 30.28 -17.78
N THR D 22 -2.09 -7.93 -28.28
CA THR D 22 -1.86 -9.22 -27.56
C THR D 22 -3.20 -9.93 -27.41
N HIS D 23 -3.40 -11.00 -28.20
CA HIS D 23 -4.65 -11.75 -28.25
C HIS D 23 -4.88 -12.50 -26.93
N TRP D 24 -6.14 -12.51 -26.49
CA TRP D 24 -6.60 -13.32 -25.38
C TRP D 24 -7.92 -14.00 -25.77
N GLY D 25 -8.31 -15.03 -25.00
CA GLY D 25 -9.49 -15.81 -25.30
C GLY D 25 -9.94 -16.68 -24.13
N TYR D 26 -10.94 -17.50 -24.40
CA TYR D 26 -11.55 -18.35 -23.38
C TYR D 26 -11.14 -19.79 -23.62
N THR D 27 -10.36 -20.03 -24.70
CA THR D 27 -10.03 -21.37 -25.16
C THR D 27 -8.52 -21.50 -25.41
N GLY D 28 -8.04 -22.75 -25.42
CA GLY D 28 -6.69 -23.10 -25.86
C GLY D 28 -5.61 -22.51 -24.96
N HIS D 29 -4.54 -21.98 -25.57
CA HIS D 29 -3.43 -21.37 -24.85
C HIS D 29 -3.70 -19.90 -24.53
N ASP D 30 -4.99 -19.54 -24.44
CA ASP D 30 -5.45 -18.21 -24.08
C ASP D 30 -6.42 -18.26 -22.88
N SER D 31 -6.77 -19.45 -22.37
CA SER D 31 -7.73 -19.66 -21.28
C SER D 31 -7.55 -18.61 -20.19
N PRO D 32 -8.64 -18.19 -19.49
CA PRO D 32 -8.52 -17.30 -18.32
C PRO D 32 -7.31 -17.58 -17.41
N GLU D 33 -7.20 -18.83 -16.95
CA GLU D 33 -6.07 -19.38 -16.17
C GLU D 33 -4.72 -18.85 -16.67
N SER D 34 -4.60 -18.57 -17.99
CA SER D 34 -3.34 -18.12 -18.56
C SER D 34 -3.29 -16.60 -18.74
N TRP D 35 -4.35 -15.88 -18.39
CA TRP D 35 -4.45 -14.47 -18.76
C TRP D 35 -3.30 -13.66 -18.15
N GLY D 36 -2.87 -14.06 -16.94
CA GLY D 36 -1.79 -13.40 -16.21
C GLY D 36 -0.46 -13.40 -16.96
N ASN D 37 -0.22 -14.44 -17.76
CA ASN D 37 1.10 -14.72 -18.32
C ASN D 37 1.30 -14.17 -19.73
N LEU D 38 0.20 -13.81 -20.45
CA LEU D 38 0.26 -13.46 -21.87
C LEU D 38 0.79 -12.04 -22.10
N SER D 39 1.34 -11.39 -21.07
CA SER D 39 1.51 -9.95 -21.05
C SER D 39 1.84 -9.47 -19.64
N GLU D 40 2.67 -8.43 -19.54
CA GLU D 40 2.94 -7.78 -18.28
C GLU D 40 1.78 -6.82 -17.95
N GLU D 41 0.86 -6.60 -18.91
CA GLU D 41 -0.31 -5.75 -18.70
C GLU D 41 -1.45 -6.50 -18.02
N PHE D 42 -1.49 -7.84 -18.20
CA PHE D 42 -2.63 -8.65 -17.78
C PHE D 42 -2.35 -9.30 -16.42
N ARG D 43 -1.36 -8.79 -15.68
CA ARG D 43 -0.82 -9.49 -14.52
C ARG D 43 -1.89 -9.64 -13.45
N LEU D 44 -2.76 -8.62 -13.33
CA LEU D 44 -3.70 -8.50 -12.23
C LEU D 44 -4.80 -9.55 -12.35
N CYS D 45 -4.90 -10.18 -13.54
CA CYS D 45 -5.82 -11.29 -13.75
C CYS D 45 -5.48 -12.50 -12.86
N SER D 46 -4.21 -12.70 -12.47
CA SER D 46 -3.85 -13.81 -11.57
C SER D 46 -3.49 -13.34 -10.15
N THR D 47 -2.80 -12.19 -9.99
CA THR D 47 -2.34 -11.71 -8.69
C THR D 47 -3.39 -10.88 -7.93
N GLY D 48 -4.37 -10.30 -8.63
CA GLY D 48 -5.43 -9.53 -8.01
C GLY D 48 -6.23 -10.29 -6.95
N LYS D 49 -6.66 -9.59 -5.89
CA LYS D 49 -7.36 -10.17 -4.75
C LYS D 49 -8.84 -9.76 -4.73
N ASN D 50 -9.22 -8.80 -5.60
CA ASN D 50 -10.55 -8.19 -5.62
C ASN D 50 -11.19 -8.42 -7.00
N GLN D 51 -11.24 -9.69 -7.43
CA GLN D 51 -11.49 -10.04 -8.83
C GLN D 51 -12.94 -10.46 -9.04
N SER D 52 -13.44 -10.20 -10.24
CA SER D 52 -14.77 -10.66 -10.63
C SER D 52 -14.59 -11.70 -11.74
N PRO D 53 -15.51 -12.68 -11.90
CA PRO D 53 -16.74 -12.76 -11.14
C PRO D 53 -16.56 -13.57 -9.87
N VAL D 54 -17.64 -13.62 -9.08
CA VAL D 54 -17.63 -14.23 -7.76
C VAL D 54 -18.94 -14.99 -7.62
N ASN D 55 -18.97 -15.81 -6.56
CA ASN D 55 -20.10 -16.66 -6.20
C ASN D 55 -20.69 -16.16 -4.89
N ILE D 56 -21.90 -15.58 -4.95
CA ILE D 56 -22.51 -14.91 -3.81
C ILE D 56 -23.15 -15.95 -2.90
N THR D 57 -22.54 -16.16 -1.72
CA THR D 57 -23.03 -17.10 -0.71
C THR D 57 -23.42 -16.29 0.51
N GLU D 58 -22.46 -16.07 1.41
CA GLU D 58 -22.65 -15.23 2.58
C GLU D 58 -22.93 -13.80 2.13
N THR D 59 -23.88 -13.13 2.79
CA THR D 59 -24.04 -11.71 2.58
C THR D 59 -24.23 -11.02 3.92
N VAL D 60 -24.09 -9.70 3.91
CA VAL D 60 -24.45 -8.85 5.02
C VAL D 60 -25.64 -8.01 4.56
N SER D 61 -26.67 -7.96 5.42
CA SER D 61 -27.89 -7.21 5.13
C SER D 61 -27.65 -5.73 5.40
N GLY D 62 -28.05 -4.87 4.45
CA GLY D 62 -27.73 -3.46 4.50
C GLY D 62 -28.79 -2.56 3.87
N LYS D 63 -28.86 -1.32 4.37
CA LYS D 63 -29.66 -0.26 3.77
C LYS D 63 -28.95 0.30 2.55
N LEU D 64 -29.03 -0.44 1.43
CA LEU D 64 -28.43 -0.06 0.17
C LEU D 64 -29.22 1.10 -0.46
N PRO D 65 -28.55 2.06 -1.13
CA PRO D 65 -29.24 3.18 -1.78
C PRO D 65 -29.88 2.80 -3.11
N ALA D 66 -31.15 3.17 -3.28
CA ALA D 66 -31.97 2.87 -4.46
C ALA D 66 -31.25 3.26 -5.77
N ILE D 67 -31.44 2.43 -6.80
CA ILE D 67 -30.98 2.68 -8.16
C ILE D 67 -32.05 3.48 -8.90
N LYS D 68 -31.64 4.58 -9.56
CA LYS D 68 -32.50 5.40 -10.40
C LYS D 68 -32.03 5.33 -11.85
N VAL D 69 -32.81 4.65 -12.70
CA VAL D 69 -32.43 4.45 -14.09
C VAL D 69 -33.09 5.53 -14.96
N ASN D 70 -32.28 6.04 -15.88
CA ASN D 70 -32.71 7.02 -16.86
C ASN D 70 -32.14 6.60 -18.21
N TYR D 71 -32.55 5.42 -18.68
CA TYR D 71 -32.28 4.99 -20.04
C TYR D 71 -33.37 5.54 -20.96
N LYS D 72 -33.01 5.65 -22.26
CA LYS D 72 -33.89 6.20 -23.28
C LYS D 72 -33.55 5.61 -24.66
N PRO D 73 -34.49 5.71 -25.63
CA PRO D 73 -34.19 5.34 -27.01
C PRO D 73 -32.97 6.06 -27.59
N SER D 74 -32.07 5.24 -28.13
CA SER D 74 -30.74 5.67 -28.49
C SER D 74 -30.37 4.96 -29.78
N MET D 75 -29.50 5.63 -30.55
CA MET D 75 -28.95 5.08 -31.77
C MET D 75 -27.73 4.24 -31.38
N VAL D 76 -27.94 2.92 -31.35
CA VAL D 76 -26.92 1.99 -30.90
C VAL D 76 -26.46 1.15 -32.09
N ASP D 77 -25.41 0.34 -31.86
CA ASP D 77 -24.97 -0.65 -32.83
C ASP D 77 -24.64 -1.93 -32.07
N VAL D 78 -24.80 -3.08 -32.73
CA VAL D 78 -24.42 -4.38 -32.18
C VAL D 78 -23.09 -4.79 -32.81
N GLU D 79 -22.05 -4.95 -31.97
CA GLU D 79 -20.71 -5.36 -32.40
C GLU D 79 -20.49 -6.82 -32.03
N ASN D 80 -19.74 -7.55 -32.87
CA ASN D 80 -19.13 -8.81 -32.48
C ASN D 80 -17.63 -8.54 -32.47
N ASN D 81 -17.00 -8.65 -31.28
CA ASN D 81 -15.56 -8.44 -31.16
C ASN D 81 -14.84 -9.78 -30.96
N GLY D 82 -15.58 -10.89 -31.07
CA GLY D 82 -15.01 -12.23 -30.92
C GLY D 82 -14.86 -12.66 -29.45
N HIS D 83 -15.35 -11.85 -28.50
CA HIS D 83 -15.36 -12.20 -27.09
C HIS D 83 -16.80 -12.14 -26.57
N THR D 84 -17.64 -11.31 -27.21
CA THR D 84 -19.03 -11.09 -26.80
C THR D 84 -19.87 -10.47 -27.92
N ILE D 85 -21.18 -10.39 -27.68
CA ILE D 85 -22.07 -9.49 -28.43
C ILE D 85 -22.33 -8.29 -27.54
N GLN D 86 -21.94 -7.11 -28.04
CA GLN D 86 -21.95 -5.88 -27.26
C GLN D 86 -22.75 -4.82 -28.00
N VAL D 87 -23.60 -4.10 -27.26
CA VAL D 87 -24.40 -3.00 -27.78
C VAL D 87 -23.76 -1.70 -27.31
N ASN D 88 -23.16 -0.94 -28.24
CA ASN D 88 -22.36 0.23 -27.90
C ASN D 88 -23.22 1.49 -27.97
N TYR D 89 -22.95 2.45 -27.07
CA TYR D 89 -23.60 3.75 -27.04
C TYR D 89 -22.61 4.88 -27.34
N PRO D 90 -22.47 5.33 -28.61
CA PRO D 90 -21.56 6.43 -28.95
C PRO D 90 -21.88 7.80 -28.33
N GLU D 91 -23.09 7.98 -27.78
CA GLU D 91 -23.46 9.21 -27.11
C GLU D 91 -24.01 8.85 -25.72
N GLY D 92 -23.76 9.74 -24.75
CA GLY D 92 -24.36 9.58 -23.43
C GLY D 92 -25.85 9.94 -23.49
N GLY D 93 -26.48 10.04 -22.31
CA GLY D 93 -27.91 10.30 -22.27
C GLY D 93 -28.65 9.16 -21.60
N ASN D 94 -27.99 7.98 -21.52
CA ASN D 94 -28.45 6.87 -20.71
C ASN D 94 -27.63 6.80 -19.42
N THR D 95 -28.27 7.13 -18.28
CA THR D 95 -27.59 7.18 -17.01
C THR D 95 -28.25 6.26 -15.97
N LEU D 96 -27.42 5.88 -14.98
CA LEU D 96 -27.82 5.34 -13.70
C LEU D 96 -27.43 6.33 -12.60
N THR D 97 -28.25 6.45 -11.55
CA THR D 97 -27.93 7.31 -10.43
C THR D 97 -28.04 6.45 -9.16
N VAL D 98 -26.96 6.40 -8.36
CA VAL D 98 -26.99 5.66 -7.11
C VAL D 98 -26.11 6.39 -6.10
N ASN D 99 -26.71 6.73 -4.94
CA ASN D 99 -26.09 7.47 -3.84
C ASN D 99 -25.49 8.80 -4.29
N GLY D 100 -26.24 9.58 -5.06
CA GLY D 100 -25.80 10.90 -5.49
C GLY D 100 -24.99 10.91 -6.79
N ARG D 101 -24.47 9.75 -7.24
CA ARG D 101 -23.56 9.74 -8.37
C ARG D 101 -24.28 9.23 -9.62
N THR D 102 -23.91 9.84 -10.77
CA THR D 102 -24.46 9.50 -12.07
C THR D 102 -23.39 8.88 -12.96
N TYR D 103 -23.71 7.67 -13.45
CA TYR D 103 -22.84 6.85 -14.28
C TYR D 103 -23.47 6.72 -15.66
N THR D 104 -22.63 6.94 -16.67
CA THR D 104 -23.11 7.02 -18.02
C THR D 104 -22.91 5.63 -18.65
N LEU D 105 -24.01 5.01 -19.12
CA LEU D 105 -23.93 3.74 -19.83
C LEU D 105 -23.12 3.91 -21.10
N LYS D 106 -22.05 3.11 -21.22
CA LYS D 106 -21.16 3.14 -22.38
C LYS D 106 -21.50 2.01 -23.35
N GLN D 107 -22.11 0.93 -22.83
CA GLN D 107 -22.30 -0.32 -23.57
C GLN D 107 -22.91 -1.35 -22.64
N PHE D 108 -23.64 -2.33 -23.22
CA PHE D 108 -24.03 -3.53 -22.49
C PHE D 108 -23.66 -4.75 -23.34
N HIS D 109 -23.39 -5.89 -22.68
CA HIS D 109 -22.97 -7.09 -23.40
C HIS D 109 -23.28 -8.32 -22.57
N PHE D 110 -22.96 -9.49 -23.14
CA PHE D 110 -23.55 -10.74 -22.67
C PHE D 110 -22.47 -11.79 -22.45
N HIS D 111 -22.69 -12.64 -21.45
CA HIS D 111 -21.85 -13.81 -21.21
C HIS D 111 -22.74 -15.04 -21.17
N VAL D 112 -22.33 -16.06 -21.93
CA VAL D 112 -22.95 -17.37 -21.95
C VAL D 112 -21.88 -18.41 -21.69
N PRO D 113 -22.04 -19.29 -20.66
CA PRO D 113 -23.06 -19.09 -19.61
C PRO D 113 -22.69 -17.91 -18.69
N SER D 114 -23.41 -17.73 -17.57
CA SER D 114 -23.21 -16.56 -16.72
C SER D 114 -21.80 -16.58 -16.12
N GLU D 115 -21.37 -15.47 -15.51
CA GLU D 115 -20.04 -15.38 -14.91
C GLU D 115 -20.18 -15.46 -13.39
N ASN D 116 -20.98 -14.55 -12.82
CA ASN D 116 -21.34 -14.61 -11.42
C ASN D 116 -22.32 -15.76 -11.21
N GLN D 117 -22.55 -16.13 -9.93
CA GLN D 117 -23.38 -17.24 -9.50
C GLN D 117 -24.04 -16.90 -8.16
N ILE D 118 -25.14 -17.60 -7.84
CA ILE D 118 -25.84 -17.50 -6.56
C ILE D 118 -25.92 -18.91 -5.99
N LYS D 119 -25.23 -19.16 -4.86
CA LYS D 119 -25.14 -20.47 -4.23
C LYS D 119 -24.62 -21.54 -5.20
N GLY D 120 -23.59 -21.22 -5.98
CA GLY D 120 -22.97 -22.16 -6.91
C GLY D 120 -23.72 -22.36 -8.22
N ARG D 121 -24.88 -21.69 -8.40
CA ARG D 121 -25.75 -21.84 -9.57
C ARG D 121 -25.25 -20.98 -10.74
N THR D 122 -24.76 -21.61 -11.82
CA THR D 122 -24.57 -20.93 -13.10
C THR D 122 -25.94 -20.69 -13.74
N PHE D 123 -26.02 -19.67 -14.60
CA PHE D 123 -27.27 -19.28 -15.24
C PHE D 123 -27.08 -19.30 -16.74
N PRO D 124 -28.11 -19.67 -17.52
CA PRO D 124 -27.94 -19.71 -18.97
C PRO D 124 -27.22 -18.45 -19.47
N MET D 125 -27.55 -17.26 -18.93
CA MET D 125 -26.96 -16.03 -19.44
C MET D 125 -26.86 -14.96 -18.35
N GLU D 126 -25.90 -14.06 -18.54
CA GLU D 126 -25.77 -12.87 -17.71
C GLU D 126 -25.53 -11.68 -18.64
N ALA D 127 -26.17 -10.54 -18.36
CA ALA D 127 -25.87 -9.28 -19.03
C ALA D 127 -25.12 -8.35 -18.06
N HIS D 128 -24.16 -7.60 -18.63
CA HIS D 128 -23.39 -6.60 -17.92
C HIS D 128 -23.62 -5.25 -18.56
N PHE D 129 -24.23 -4.32 -17.79
CA PHE D 129 -24.41 -2.94 -18.22
C PHE D 129 -23.30 -2.09 -17.62
N VAL D 130 -22.44 -1.56 -18.49
CA VAL D 130 -21.16 -0.99 -18.13
C VAL D 130 -21.24 0.53 -18.21
N HIS D 131 -20.96 1.21 -17.07
CA HIS D 131 -21.09 2.63 -16.92
C HIS D 131 -19.80 3.25 -16.37
N LEU D 132 -19.76 4.58 -16.46
CA LEU D 132 -18.67 5.42 -15.99
C LEU D 132 -19.22 6.74 -15.49
N ASP D 133 -18.82 7.18 -14.28
CA ASP D 133 -19.22 8.48 -13.79
C ASP D 133 -18.20 9.48 -14.32
N GLU D 134 -18.28 10.75 -13.89
CA GLU D 134 -17.48 11.78 -14.54
C GLU D 134 -16.05 11.67 -14.01
N ASN D 135 -15.85 11.20 -12.77
CA ASN D 135 -14.51 10.95 -12.24
C ASN D 135 -13.96 9.62 -12.72
N LYS D 136 -14.57 9.06 -13.77
CA LYS D 136 -14.13 7.83 -14.44
C LYS D 136 -14.18 6.61 -13.53
N GLN D 137 -15.08 6.60 -12.54
CA GLN D 137 -15.31 5.42 -11.71
C GLN D 137 -16.24 4.43 -12.43
N PRO D 138 -15.75 3.20 -12.70
CA PRO D 138 -16.57 2.18 -13.33
C PRO D 138 -17.56 1.42 -12.42
N LEU D 139 -18.77 1.18 -12.96
CA LEU D 139 -19.83 0.47 -12.27
C LEU D 139 -20.54 -0.43 -13.28
N VAL D 140 -20.60 -1.73 -12.96
CA VAL D 140 -21.30 -2.69 -13.78
C VAL D 140 -22.56 -3.06 -13.01
N LEU D 141 -23.71 -2.88 -13.68
CA LEU D 141 -25.01 -3.46 -13.30
C LEU D 141 -25.23 -4.72 -14.14
N ALA D 142 -25.52 -5.84 -13.48
CA ALA D 142 -25.56 -7.14 -14.12
C ALA D 142 -26.95 -7.74 -13.99
N VAL D 143 -27.42 -8.37 -15.08
CA VAL D 143 -28.69 -9.09 -15.11
C VAL D 143 -28.40 -10.57 -15.31
N LEU D 144 -29.02 -11.41 -14.48
CA LEU D 144 -28.91 -12.87 -14.60
C LEU D 144 -30.20 -13.40 -15.24
N TYR D 145 -30.03 -14.30 -16.22
CA TYR D 145 -31.17 -14.86 -16.93
C TYR D 145 -31.31 -16.35 -16.57
N GLU D 146 -32.48 -16.71 -16.00
CA GLU D 146 -32.93 -18.08 -15.89
C GLU D 146 -33.40 -18.61 -17.24
N ALA D 147 -33.46 -19.94 -17.35
CA ALA D 147 -34.08 -20.61 -18.49
C ALA D 147 -35.61 -20.46 -18.43
N GLY D 148 -36.23 -20.18 -19.59
CA GLY D 148 -37.67 -19.98 -19.68
C GLY D 148 -38.12 -19.68 -21.11
N LYS D 149 -39.13 -18.82 -21.23
CA LYS D 149 -39.64 -18.36 -22.52
C LYS D 149 -38.56 -17.63 -23.33
N THR D 150 -38.81 -17.49 -24.66
CA THR D 150 -38.07 -16.56 -25.49
C THR D 150 -38.12 -15.18 -24.84
N ASN D 151 -36.97 -14.51 -24.83
CA ASN D 151 -36.94 -13.12 -24.42
C ASN D 151 -37.38 -12.30 -25.62
N GLY D 152 -38.55 -11.66 -25.50
CA GLY D 152 -39.11 -10.82 -26.54
C GLY D 152 -38.36 -9.49 -26.75
N ARG D 153 -37.78 -8.94 -25.68
CA ARG D 153 -37.16 -7.62 -25.70
C ARG D 153 -35.72 -7.69 -26.23
N LEU D 154 -35.16 -8.90 -26.28
CA LEU D 154 -33.84 -9.14 -26.86
C LEU D 154 -33.90 -9.47 -28.35
N SER D 155 -35.06 -9.88 -28.89
CA SER D 155 -35.10 -10.41 -30.25
C SER D 155 -34.73 -9.33 -31.28
N SER D 156 -35.02 -8.09 -30.92
CA SER D 156 -34.51 -6.93 -31.61
C SER D 156 -32.99 -7.04 -31.86
N ILE D 157 -32.22 -7.28 -30.77
CA ILE D 157 -30.76 -7.45 -30.82
C ILE D 157 -30.42 -8.74 -31.56
N TRP D 158 -31.07 -9.83 -31.15
CA TRP D 158 -30.74 -11.16 -31.67
C TRP D 158 -30.85 -11.22 -33.20
N ASN D 159 -31.85 -10.56 -33.81
CA ASN D 159 -32.10 -10.77 -35.23
C ASN D 159 -30.94 -10.19 -36.03
N VAL D 160 -30.34 -9.08 -35.58
CA VAL D 160 -29.33 -8.40 -36.37
C VAL D 160 -27.93 -8.81 -35.90
N MET D 161 -27.86 -9.67 -34.89
CA MET D 161 -26.61 -10.13 -34.29
C MET D 161 -25.65 -10.60 -35.37
N PRO D 162 -24.48 -9.93 -35.58
CA PRO D 162 -23.46 -10.41 -36.51
C PRO D 162 -22.80 -11.69 -35.98
N MET D 163 -22.77 -12.72 -36.82
CA MET D 163 -22.23 -14.04 -36.48
C MET D 163 -20.72 -14.08 -36.72
N THR D 164 -20.13 -12.96 -37.15
CA THR D 164 -18.69 -12.78 -37.27
C THR D 164 -18.33 -11.32 -36.94
N ALA D 165 -17.06 -11.09 -36.62
CA ALA D 165 -16.58 -9.77 -36.22
C ALA D 165 -17.24 -8.68 -37.07
N GLY D 166 -17.85 -7.68 -36.42
CA GLY D 166 -18.25 -6.45 -37.08
C GLY D 166 -19.37 -5.75 -36.31
N LYS D 167 -19.76 -4.58 -36.81
CA LYS D 167 -20.81 -3.77 -36.20
C LYS D 167 -21.95 -3.58 -37.20
N VAL D 168 -23.19 -3.62 -36.70
CA VAL D 168 -24.39 -3.30 -37.46
C VAL D 168 -25.24 -2.33 -36.66
N LYS D 169 -25.81 -1.30 -37.33
CA LYS D 169 -26.83 -0.45 -36.73
C LYS D 169 -28.10 -1.25 -36.44
N LEU D 170 -28.70 -1.04 -35.27
CA LEU D 170 -30.07 -1.47 -35.01
C LEU D 170 -31.01 -0.53 -35.76
N ASN D 171 -32.09 -1.07 -36.34
CA ASN D 171 -32.91 -0.31 -37.28
C ASN D 171 -33.94 0.56 -36.58
N GLN D 172 -34.12 0.38 -35.25
CA GLN D 172 -35.01 1.20 -34.45
C GLN D 172 -34.23 1.74 -33.27
N PRO D 173 -34.38 3.04 -32.88
CA PRO D 173 -33.71 3.56 -31.70
C PRO D 173 -34.08 2.66 -30.52
N PHE D 174 -33.09 2.25 -29.71
CA PHE D 174 -33.27 1.17 -28.74
C PHE D 174 -33.26 1.73 -27.32
N ASP D 175 -34.22 1.26 -26.49
CA ASP D 175 -34.41 1.69 -25.10
C ASP D 175 -34.12 0.52 -24.15
N ALA D 176 -32.99 0.60 -23.40
CA ALA D 176 -32.50 -0.47 -22.53
C ALA D 176 -33.28 -0.54 -21.22
N SER D 177 -34.21 0.40 -21.00
CA SER D 177 -35.13 0.33 -19.86
C SER D 177 -35.78 -1.04 -19.75
N THR D 178 -36.24 -1.60 -20.88
CA THR D 178 -37.02 -2.83 -20.87
C THR D 178 -36.16 -4.07 -20.59
N LEU D 179 -34.86 -3.90 -20.28
CA LEU D 179 -33.98 -5.02 -20.05
C LEU D 179 -33.69 -5.16 -18.56
N LEU D 180 -34.18 -4.18 -17.79
CA LEU D 180 -34.02 -4.14 -16.35
C LEU D 180 -35.37 -4.40 -15.71
N PRO D 181 -35.43 -5.15 -14.59
CA PRO D 181 -36.68 -5.33 -13.84
C PRO D 181 -37.22 -4.03 -13.23
N LYS D 182 -38.52 -4.03 -12.91
CA LYS D 182 -39.16 -2.91 -12.26
C LYS D 182 -38.65 -2.84 -10.82
N ARG D 183 -38.36 -4.02 -10.24
CA ARG D 183 -37.72 -4.09 -8.93
C ARG D 183 -36.20 -4.24 -9.09
N LEU D 184 -35.50 -3.40 -8.32
CA LEU D 184 -34.13 -3.01 -8.58
C LEU D 184 -33.30 -3.22 -7.32
N LYS D 185 -33.74 -4.16 -6.48
CA LYS D 185 -32.95 -4.65 -5.36
C LYS D 185 -31.73 -5.40 -5.90
N TYR D 186 -30.57 -5.22 -5.24
CA TYR D 186 -29.30 -5.69 -5.79
C TYR D 186 -28.34 -6.13 -4.68
N TYR D 187 -27.41 -7.01 -5.07
CA TYR D 187 -26.19 -7.27 -4.32
C TYR D 187 -25.13 -6.24 -4.72
N ARG D 188 -24.31 -5.80 -3.75
CA ARG D 188 -23.33 -4.74 -3.92
C ARG D 188 -21.98 -5.22 -3.39
N PHE D 189 -21.00 -5.43 -4.29
CA PHE D 189 -19.63 -5.71 -3.91
C PHE D 189 -18.69 -4.88 -4.78
N ALA D 190 -17.42 -4.82 -4.38
CA ALA D 190 -16.35 -4.29 -5.22
C ALA D 190 -15.66 -5.45 -5.95
N GLY D 191 -15.16 -5.16 -7.16
CA GLY D 191 -14.52 -6.19 -7.97
C GLY D 191 -13.79 -5.62 -9.17
N SER D 192 -13.61 -6.46 -10.20
CA SER D 192 -12.83 -6.13 -11.39
C SER D 192 -13.61 -6.29 -12.70
N LEU D 193 -12.95 -5.91 -13.81
CA LEU D 193 -13.32 -6.43 -15.12
C LEU D 193 -13.11 -7.94 -15.11
N THR D 194 -13.98 -8.67 -15.84
CA THR D 194 -13.89 -10.13 -15.96
C THR D 194 -13.12 -10.51 -17.21
N THR D 195 -12.54 -9.50 -17.88
CA THR D 195 -11.73 -9.69 -19.06
C THR D 195 -10.46 -8.87 -18.93
N PRO D 196 -9.33 -9.32 -19.50
CA PRO D 196 -8.07 -8.57 -19.42
C PRO D 196 -8.21 -7.11 -19.82
N PRO D 197 -7.44 -6.16 -19.25
CA PRO D 197 -6.46 -6.41 -18.18
C PRO D 197 -6.94 -6.66 -16.74
N CYS D 198 -8.24 -6.99 -16.58
CA CYS D 198 -8.86 -7.34 -15.31
C CYS D 198 -8.73 -6.20 -14.29
N THR D 199 -9.05 -4.96 -14.70
CA THR D 199 -8.88 -3.81 -13.84
C THR D 199 -9.81 -3.94 -12.63
N GLU D 200 -9.29 -3.61 -11.43
CA GLU D 200 -10.08 -3.59 -10.21
C GLU D 200 -10.61 -2.18 -9.98
N GLY D 201 -11.43 -2.00 -8.93
CA GLY D 201 -12.03 -0.70 -8.62
C GLY D 201 -13.27 -0.45 -9.49
N VAL D 202 -13.99 -1.55 -9.70
CA VAL D 202 -15.23 -1.61 -10.45
C VAL D 202 -16.30 -1.98 -9.43
N SER D 203 -17.30 -1.10 -9.31
CA SER D 203 -18.47 -1.34 -8.50
C SER D 203 -19.37 -2.35 -9.20
N TRP D 204 -19.85 -3.34 -8.45
CA TRP D 204 -20.68 -4.42 -8.97
C TRP D 204 -22.05 -4.32 -8.29
N LEU D 205 -23.09 -4.19 -9.12
CA LEU D 205 -24.47 -4.19 -8.67
C LEU D 205 -25.20 -5.32 -9.41
N VAL D 206 -25.44 -6.45 -8.71
CA VAL D 206 -26.06 -7.64 -9.30
C VAL D 206 -27.53 -7.64 -8.88
N LEU D 207 -28.46 -7.51 -9.85
CA LEU D 207 -29.88 -7.40 -9.59
C LEU D 207 -30.43 -8.75 -9.09
N LYS D 208 -31.13 -8.72 -7.96
CA LYS D 208 -31.71 -9.93 -7.39
C LYS D 208 -32.73 -10.57 -8.35
N THR D 209 -33.65 -9.77 -8.92
CA THR D 209 -34.64 -10.27 -9.86
C THR D 209 -33.98 -10.78 -11.14
N TYR D 210 -34.50 -11.92 -11.63
CA TYR D 210 -34.01 -12.56 -12.84
C TYR D 210 -34.94 -12.27 -14.02
N ASP D 211 -34.43 -12.57 -15.23
CA ASP D 211 -35.12 -12.49 -16.51
C ASP D 211 -35.08 -13.91 -17.09
N HIS D 212 -35.49 -14.11 -18.35
CA HIS D 212 -35.55 -15.43 -18.98
C HIS D 212 -34.91 -15.42 -20.38
N ILE D 213 -34.52 -16.61 -20.88
CA ILE D 213 -34.17 -16.81 -22.29
C ILE D 213 -34.39 -18.28 -22.71
N ASP D 214 -34.28 -18.50 -24.03
CA ASP D 214 -34.18 -19.80 -24.68
C ASP D 214 -32.74 -20.33 -24.73
N GLN D 215 -32.63 -21.62 -25.10
CA GLN D 215 -31.38 -22.27 -25.49
C GLN D 215 -30.99 -21.86 -26.91
N ALA D 216 -32.01 -21.72 -27.78
CA ALA D 216 -31.89 -21.16 -29.12
C ALA D 216 -31.12 -19.84 -29.09
N GLN D 217 -31.56 -18.94 -28.20
CA GLN D 217 -30.97 -17.62 -28.04
C GLN D 217 -29.55 -17.74 -27.50
N ALA D 218 -29.38 -18.48 -26.40
CA ALA D 218 -28.05 -18.73 -25.88
C ALA D 218 -27.10 -19.33 -26.94
N GLU D 219 -27.62 -20.30 -27.73
CA GLU D 219 -26.82 -21.04 -28.71
C GLU D 219 -26.50 -20.16 -29.92
N LYS D 220 -27.45 -19.28 -30.27
CA LYS D 220 -27.24 -18.30 -31.32
C LYS D 220 -26.10 -17.40 -30.88
N PHE D 221 -26.13 -17.04 -29.59
CA PHE D 221 -25.10 -16.21 -29.00
C PHE D 221 -23.74 -16.89 -29.14
N THR D 222 -23.65 -18.18 -28.82
CA THR D 222 -22.37 -18.90 -28.88
C THR D 222 -21.86 -19.10 -30.32
N ARG D 223 -22.72 -19.48 -31.27
CA ARG D 223 -22.33 -19.53 -32.67
C ARG D 223 -21.55 -18.27 -33.06
N ALA D 224 -22.16 -17.12 -32.76
CA ALA D 224 -21.71 -15.83 -33.25
C ALA D 224 -20.35 -15.47 -32.66
N VAL D 225 -20.19 -15.80 -31.38
CA VAL D 225 -19.09 -15.27 -30.58
C VAL D 225 -17.88 -16.20 -30.68
N GLY D 226 -18.14 -17.49 -30.98
CA GLY D 226 -17.10 -18.46 -31.25
C GLY D 226 -16.81 -19.42 -30.09
N SER D 227 -17.39 -19.18 -28.89
CA SER D 227 -17.19 -20.03 -27.70
C SER D 227 -17.89 -19.48 -26.45
N GLU D 228 -17.95 -20.35 -25.43
CA GLU D 228 -18.07 -19.95 -24.03
C GLU D 228 -17.28 -18.67 -23.76
N ASN D 229 -17.93 -17.66 -23.18
CA ASN D 229 -17.22 -16.41 -22.92
C ASN D 229 -17.34 -16.02 -21.44
N ASN D 230 -17.46 -17.01 -20.53
CA ASN D 230 -17.43 -16.78 -19.10
C ASN D 230 -16.05 -17.09 -18.51
N ARG D 231 -15.74 -16.37 -17.41
CA ARG D 231 -14.53 -16.58 -16.62
C ARG D 231 -14.88 -17.35 -15.32
N PRO D 232 -14.05 -18.32 -14.87
CA PRO D 232 -14.36 -19.03 -13.62
C PRO D 232 -14.40 -18.01 -12.49
N VAL D 233 -15.26 -18.27 -11.50
CA VAL D 233 -15.42 -17.40 -10.35
C VAL D 233 -14.09 -17.27 -9.62
N GLN D 234 -13.98 -16.25 -8.75
CA GLN D 234 -12.73 -15.79 -8.16
C GLN D 234 -12.96 -15.58 -6.67
N PRO D 235 -11.98 -15.89 -5.76
CA PRO D 235 -12.25 -15.81 -4.32
C PRO D 235 -12.60 -14.39 -3.85
N LEU D 236 -13.52 -14.32 -2.89
CA LEU D 236 -14.00 -13.06 -2.36
C LEU D 236 -12.93 -12.40 -1.48
N ASN D 237 -12.05 -13.22 -0.90
CA ASN D 237 -11.00 -12.77 0.01
C ASN D 237 -11.61 -11.92 1.13
N ALA D 238 -11.31 -10.60 1.20
CA ALA D 238 -11.69 -9.76 2.34
C ALA D 238 -13.01 -9.02 2.13
N ARG D 239 -13.65 -9.26 0.98
CA ARG D 239 -14.80 -8.49 0.54
C ARG D 239 -16.06 -9.08 1.17
N VAL D 240 -17.01 -8.19 1.53
CA VAL D 240 -18.38 -8.53 1.87
C VAL D 240 -19.25 -8.25 0.65
N VAL D 241 -20.32 -9.04 0.49
CA VAL D 241 -21.43 -8.71 -0.38
C VAL D 241 -22.56 -8.15 0.48
N ILE D 242 -23.08 -6.97 0.13
CA ILE D 242 -24.21 -6.40 0.82
C ILE D 242 -25.49 -6.77 0.06
N GLU D 243 -26.59 -6.99 0.79
CA GLU D 243 -27.90 -7.24 0.19
C GLU D 243 -28.90 -6.28 0.85
#